data_8QQK
#
_entry.id   8QQK
#
_cell.length_a   1.00
_cell.length_b   1.00
_cell.length_c   1.00
_cell.angle_alpha   90.00
_cell.angle_beta   90.00
_cell.angle_gamma   90.00
#
_symmetry.space_group_name_H-M   'P 1'
#
loop_
_entity.id
_entity.type
_entity.pdbx_description
1 polymer 'Cytochrome bo(3) ubiquinol oxidase subunit 1'
2 polymer 'Cytochrome bo(3) ubiquinol oxidase subunit 2'
3 polymer 'Cytochrome bo(3) ubiquinol oxidase subunit 3'
4 polymer 'Cytochrome bo(3) ubiquinol oxidase subunit 4'
5 non-polymer '(2S)-3-(hexadecanoyloxy)-2-[(9Z)-octadec-9-enoyloxy]propyl 2-(trimethylammonio)ethyl phosphate'
6 non-polymer 1,2-Distearoyl-sn-glycerophosphoethanolamine
7 non-polymer 'PROTOPORPHYRIN IX CONTAINING FE'
8 non-polymer 'HEME O'
9 non-polymer 'COPPER (II) ION'
#
loop_
_entity_poly.entity_id
_entity_poly.type
_entity_poly.pdbx_seq_one_letter_code
_entity_poly.pdbx_strand_id
1 'polypeptide(L)'
;MFGKLSLDAVPFHEPIVMVTIAGIILGGLALVGLITYFGKWTYLWKEWLTSVDHKRLGIMYIIVAIVMLLRGFADAIMMR
SQQALASAGEAGFLPPHHYDQIFTAHGVIMIFFVAMPFVIGLMNLVVPLQIGARDVAFPFLNNLSFWFTVVGVILVNVSL
GVGEFAQTGWLAYPPLSGIEYSPGVGVDYWIWSLQLSGIGTTLTGINFFVTILKMRAPGMTMFKMPVFTWASLCANVLII
ASFPILTVTVALLTLDRYLGTHFFTNDMGGNMMMYINLIWAWGHPEVYILILPVFGVFSEIAATFSRKRLFGYTSLVWAT
VCITVLSFIVWLHHFFTMGAGANVNAFFGITTMIIAIPTGVKIFNWLFTMYQGRIVFHSAMLWTIGFIVTFSVGGMTGVL
LAVPGADFVLHNSLFLIAHFHNVIIGGVVFGCFAGMTYWWPKAFGFKLNETWGKRAFWFWIIGFFVAFMPLYALGFMGMT
RRLSQQIDPQFHTMLMIAASGAVLIALGILCLVIQMYVSIRDRDQNRDLTGDPWGGRTLEWATSSPPPFYNFAVVPHVHE
RDAFWEMKEKGEAYKKPDHYEEIHMPKNSGAGIVIAAFSTIFGFAMIWHIWWLAIVGFAGMIITWIVKSFDEDVDYYVPV
AEIEKLENQHFDEITKAGLKNGN
;
A
2 'polypeptide(L)'
;MRLRKYNKSLGWLSLFAGTVLLSGCNSALLDPKGQIGLEQRSLILTAFGLMLIVVIPAILMAVGFAWKYRASNKDAKYSP
NWSHSNKVEAVVWTVPILIIIFLAVLTWKTTHALEPSKPLAHDEKPITIEVVSMDWKWFFIYPEQGIATVNEIAFPANTP
VYFKVTSNSVMNSFFIPRLGSQIYAMAGMQTRLHLIANEPGTYDGISASYSGPGFSGMKFKAIATPDRAAFDQWVAKAKQ
SPNTMSDMAAFEKLAAPSEYNQVEYFSNVKPDLFADVINKFMAHGKSMDMTQPEGEHSAHEGMEGMDMSHAESAH
;
B
3 'polypeptide(L)'
;MATDTLTHATAHAHEHGHHDAGGTKIFGFWIYLMSDCILFSILFATYAVLVNGTAGGPTGKDIFELPFVLVETFLLLFSS
ITYGMAAIAMYKNNKSQVISWLALTWLFGAGFIGMEIYEFHHLIVNGMGPDRSGFLSAFFALVGTHGLHVTSGLIWMAVL
MVQIARRGLTSTNRTRIMCLSLFWHFLDVVWICVFTVVYLMGAM
;
C
4 'polypeptide(L)'
;MSHSTDHSGASHGSVKTYMTGFILSIILTVIPFWMVMTGAASPAVILGTILAMAVVQVLVHLVCFLHMNTKSDEGWNMTA
FVFTVLIIAILVVGSIWIMWNLNYNMMMH
;
D
#
# COMPACT_ATOMS: atom_id res chain seq x y z
N MET A 1 3.88 -25.80 -19.77
CA MET A 1 4.98 -26.73 -19.92
C MET A 1 5.05 -27.28 -21.34
N PHE A 2 6.28 -27.29 -21.88
CA PHE A 2 6.63 -27.93 -23.16
C PHE A 2 5.85 -27.34 -24.33
N GLY A 3 6.13 -26.06 -24.62
CA GLY A 3 5.49 -25.44 -25.76
C GLY A 3 4.61 -24.24 -25.46
N LYS A 4 5.04 -23.41 -24.51
CA LYS A 4 4.23 -22.25 -24.09
C LYS A 4 3.98 -21.28 -25.24
N LEU A 5 5.05 -20.85 -25.92
CA LEU A 5 4.99 -20.13 -27.21
C LEU A 5 4.17 -18.84 -27.12
N SER A 6 4.22 -18.20 -25.95
CA SER A 6 3.28 -17.14 -25.59
C SER A 6 3.97 -15.78 -25.64
N LEU A 7 3.34 -14.84 -26.34
CA LEU A 7 3.78 -13.44 -26.36
C LEU A 7 2.58 -12.53 -26.15
N ASP A 8 2.76 -11.23 -26.37
CA ASP A 8 1.66 -10.26 -26.10
C ASP A 8 1.31 -9.47 -27.37
N ALA A 9 0.34 -8.57 -27.29
CA ALA A 9 -0.09 -7.83 -28.49
C ALA A 9 0.06 -6.33 -28.30
N VAL A 10 0.08 -5.55 -29.39
CA VAL A 10 0.30 -4.06 -29.31
C VAL A 10 -0.97 -3.38 -28.79
N PRO A 11 -0.89 -2.53 -27.74
CA PRO A 11 -2.09 -1.91 -27.16
C PRO A 11 -2.90 -0.97 -28.07
N PHE A 12 -2.28 0.09 -28.62
CA PHE A 12 -3.03 1.08 -29.45
C PHE A 12 -2.17 2.25 -29.93
N HIS A 13 -2.71 3.08 -30.84
CA HIS A 13 -2.03 4.30 -31.36
C HIS A 13 -3.10 5.30 -31.80
N GLU A 14 -3.03 6.54 -31.31
CA GLU A 14 -4.02 7.57 -31.62
C GLU A 14 -3.38 8.77 -32.31
N PRO A 15 -4.01 9.29 -33.38
CA PRO A 15 -3.55 10.54 -33.98
C PRO A 15 -4.15 11.85 -33.48
N ILE A 16 -3.32 12.71 -32.90
CA ILE A 16 -3.78 13.98 -32.34
C ILE A 16 -2.89 15.08 -32.89
N VAL A 17 -3.50 16.18 -33.35
CA VAL A 17 -2.79 17.29 -33.98
C VAL A 17 -2.90 18.53 -33.10
N MET A 18 -2.88 18.33 -31.78
CA MET A 18 -3.03 19.41 -30.81
C MET A 18 -1.94 20.46 -30.95
N VAL A 19 -0.69 20.08 -30.67
CA VAL A 19 0.44 20.96 -30.91
C VAL A 19 1.42 20.17 -31.80
N THR A 20 0.84 19.25 -32.58
CA THR A 20 1.41 18.41 -33.63
C THR A 20 2.45 17.41 -33.12
N ILE A 21 2.65 17.30 -31.82
CA ILE A 21 3.59 16.34 -31.25
C ILE A 21 2.90 15.36 -30.29
N ALA A 22 1.99 15.84 -29.44
CA ALA A 22 1.26 14.96 -28.54
C ALA A 22 0.23 14.20 -29.36
N GLY A 23 0.47 12.92 -29.57
CA GLY A 23 -0.25 12.12 -30.53
C GLY A 23 0.59 11.69 -31.71
N ILE A 24 1.72 12.36 -31.94
CA ILE A 24 2.66 11.97 -32.99
C ILE A 24 3.92 11.42 -32.36
N ILE A 25 4.54 12.19 -31.46
CA ILE A 25 5.69 11.65 -30.75
C ILE A 25 5.23 10.79 -29.58
N LEU A 26 3.94 10.89 -29.21
CA LEU A 26 3.33 9.87 -28.38
C LEU A 26 3.31 8.53 -29.11
N GLY A 27 3.03 8.57 -30.42
CA GLY A 27 3.22 7.40 -31.24
C GLY A 27 4.67 7.00 -31.41
N GLY A 28 5.60 7.94 -31.27
CA GLY A 28 7.01 7.63 -31.40
C GLY A 28 7.54 6.75 -30.29
N LEU A 29 6.86 6.74 -29.14
CA LEU A 29 7.13 5.76 -28.10
C LEU A 29 6.13 4.61 -28.08
N ALA A 30 4.94 4.80 -28.68
CA ALA A 30 4.00 3.70 -28.78
C ALA A 30 4.51 2.64 -29.74
N LEU A 31 5.25 3.05 -30.78
CA LEU A 31 5.80 2.12 -31.75
C LEU A 31 7.06 1.44 -31.26
N VAL A 32 7.54 1.75 -30.07
CA VAL A 32 8.69 1.03 -29.51
C VAL A 32 8.21 -0.37 -29.15
N GLY A 33 8.57 -1.33 -30.00
CA GLY A 33 8.31 -2.74 -29.77
C GLY A 33 9.42 -3.52 -30.41
N LEU A 34 9.45 -4.81 -30.11
CA LEU A 34 10.45 -5.70 -30.66
C LEU A 34 9.80 -6.97 -31.17
N ILE A 35 10.45 -7.59 -32.15
CA ILE A 35 10.05 -8.88 -32.70
C ILE A 35 10.40 -10.00 -31.72
N THR A 36 9.96 -11.23 -32.03
CA THR A 36 10.25 -12.38 -31.17
C THR A 36 11.74 -12.59 -31.02
N TYR A 37 12.15 -12.85 -29.78
CA TYR A 37 13.47 -13.38 -29.47
C TYR A 37 13.37 -14.88 -29.20
N PHE A 38 12.57 -15.56 -30.03
CA PHE A 38 12.27 -16.99 -29.97
C PHE A 38 11.61 -17.35 -28.63
N GLY A 39 10.35 -16.92 -28.51
CA GLY A 39 9.46 -17.29 -27.43
C GLY A 39 9.49 -18.77 -27.05
N LYS A 40 9.72 -19.02 -25.77
CA LYS A 40 10.20 -20.29 -25.23
C LYS A 40 11.42 -20.79 -26.01
N TRP A 41 12.45 -19.95 -26.06
CA TRP A 41 13.78 -20.47 -26.32
C TRP A 41 14.13 -21.35 -25.12
N THR A 42 14.74 -22.51 -25.38
CA THR A 42 15.02 -23.45 -24.30
C THR A 42 16.01 -22.88 -23.29
N TYR A 43 16.87 -21.97 -23.74
CA TYR A 43 17.68 -21.17 -22.82
C TYR A 43 16.80 -20.31 -21.93
N LEU A 44 15.73 -19.76 -22.48
CA LEU A 44 14.92 -18.79 -21.74
C LEU A 44 14.07 -19.46 -20.68
N TRP A 45 13.61 -20.69 -20.94
CA TRP A 45 12.83 -21.42 -19.95
C TRP A 45 13.72 -21.92 -18.82
N LYS A 46 14.88 -22.49 -19.17
CA LYS A 46 15.76 -23.08 -18.16
C LYS A 46 16.39 -22.02 -17.28
N GLU A 47 16.86 -20.94 -17.86
CA GLU A 47 17.74 -20.02 -17.15
C GLU A 47 17.04 -18.79 -16.61
N TRP A 48 15.87 -18.43 -17.12
CA TRP A 48 15.21 -17.22 -16.66
C TRP A 48 13.87 -17.48 -16.02
N LEU A 49 12.94 -18.16 -16.70
CA LEU A 49 11.58 -18.24 -16.21
C LEU A 49 11.47 -19.18 -15.01
N THR A 50 12.20 -20.27 -14.99
CA THR A 50 12.16 -21.19 -13.86
C THR A 50 13.19 -20.87 -12.85
N SER A 51 13.93 -19.81 -13.05
CA SER A 51 15.05 -19.51 -12.17
C SER A 51 14.60 -19.12 -10.78
N VAL A 52 15.19 -19.78 -9.78
CA VAL A 52 15.02 -19.38 -8.39
C VAL A 52 16.17 -18.50 -7.92
N ASP A 53 17.07 -18.12 -8.82
CA ASP A 53 18.15 -17.22 -8.46
C ASP A 53 17.61 -15.80 -8.31
N HIS A 54 18.06 -15.12 -7.26
CA HIS A 54 17.48 -13.82 -6.91
C HIS A 54 17.93 -12.72 -7.87
N LYS A 55 19.11 -12.86 -8.46
CA LYS A 55 19.61 -11.84 -9.37
C LYS A 55 18.79 -11.78 -10.65
N ARG A 56 18.49 -12.93 -11.22
CA ARG A 56 17.71 -12.98 -12.45
C ARG A 56 16.26 -12.57 -12.21
N LEU A 57 15.69 -12.98 -11.07
CA LEU A 57 14.33 -12.59 -10.72
C LEU A 57 14.22 -11.09 -10.49
N GLY A 58 15.25 -10.50 -9.88
CA GLY A 58 15.32 -9.06 -9.77
C GLY A 58 15.38 -8.37 -11.12
N ILE A 59 16.27 -8.84 -11.99
CA ILE A 59 16.38 -8.26 -13.36
C ILE A 59 15.00 -8.33 -14.00
N MET A 60 14.33 -9.46 -13.87
CA MET A 60 13.03 -9.66 -14.55
C MET A 60 11.97 -8.76 -13.95
N TYR A 61 12.06 -8.46 -12.66
CA TYR A 61 11.10 -7.54 -12.00
C TYR A 61 11.27 -6.16 -12.62
N ILE A 62 12.49 -5.72 -12.85
CA ILE A 62 12.81 -4.40 -13.46
C ILE A 62 12.35 -4.37 -14.92
N ILE A 63 12.63 -5.43 -15.68
CA ILE A 63 12.15 -5.46 -17.06
C ILE A 63 10.65 -5.20 -17.12
N VAL A 64 9.90 -5.85 -16.23
CA VAL A 64 8.46 -5.66 -16.13
C VAL A 64 8.13 -4.22 -15.76
N ALA A 65 8.91 -3.64 -14.83
CA ALA A 65 8.68 -2.26 -14.42
C ALA A 65 8.92 -1.27 -15.55
N ILE A 66 9.97 -1.47 -16.36
CA ILE A 66 10.24 -0.56 -17.47
C ILE A 66 9.15 -0.66 -18.55
N VAL A 67 8.71 -1.89 -18.86
CA VAL A 67 7.69 -2.08 -19.89
C VAL A 67 6.36 -1.44 -19.46
N MET A 68 5.97 -1.66 -18.20
CA MET A 68 4.75 -1.06 -17.70
C MET A 68 4.88 0.46 -17.55
N LEU A 69 6.09 0.95 -17.30
CA LEU A 69 6.33 2.39 -17.28
C LEU A 69 6.07 3.01 -18.64
N LEU A 70 6.52 2.33 -19.71
CA LEU A 70 6.26 2.80 -21.07
C LEU A 70 4.76 2.84 -21.36
N ARG A 71 4.04 1.77 -20.99
CA ARG A 71 2.61 1.70 -21.28
C ARG A 71 1.82 2.77 -20.53
N GLY A 72 2.06 2.89 -19.22
CA GLY A 72 1.32 3.84 -18.43
C GLY A 72 1.71 5.27 -18.70
N PHE A 73 2.95 5.49 -19.16
CA PHE A 73 3.32 6.83 -19.57
C PHE A 73 2.62 7.22 -20.85
N ALA A 74 2.42 6.27 -21.76
CA ALA A 74 1.61 6.55 -22.95
C ALA A 74 0.20 6.96 -22.55
N ASP A 75 -0.38 6.26 -21.56
CA ASP A 75 -1.68 6.66 -21.03
C ASP A 75 -1.67 8.06 -20.43
N ALA A 76 -0.59 8.42 -19.72
CA ALA A 76 -0.48 9.75 -19.13
C ALA A 76 -0.40 10.85 -20.19
N ILE A 77 0.32 10.60 -21.29
CA ILE A 77 0.34 11.54 -22.41
C ILE A 77 -1.05 11.75 -23.00
N MET A 78 -1.82 10.67 -23.20
CA MET A 78 -3.17 10.85 -23.73
C MET A 78 -4.07 11.63 -22.78
N MET A 79 -3.94 11.38 -21.47
CA MET A 79 -4.68 12.15 -20.48
C MET A 79 -4.34 13.62 -20.53
N ARG A 80 -3.04 13.93 -20.63
CA ARG A 80 -2.61 15.31 -20.57
C ARG A 80 -3.00 16.08 -21.82
N SER A 81 -2.93 15.42 -22.98
CA SER A 81 -3.37 16.07 -24.21
C SER A 81 -4.89 16.25 -24.23
N GLN A 82 -5.64 15.29 -23.67
CA GLN A 82 -7.09 15.44 -23.59
C GLN A 82 -7.47 16.60 -22.67
N GLN A 83 -6.79 16.75 -21.53
CA GLN A 83 -7.04 17.87 -20.64
C GLN A 83 -6.68 19.20 -21.28
N ALA A 84 -5.63 19.22 -22.09
CA ALA A 84 -5.27 20.45 -22.77
C ALA A 84 -6.29 20.81 -23.85
N LEU A 85 -6.81 19.82 -24.57
CA LEU A 85 -7.81 20.12 -25.60
C LEU A 85 -9.16 20.49 -24.99
N ALA A 86 -9.54 19.86 -23.89
CA ALA A 86 -10.85 20.10 -23.32
C ALA A 86 -10.96 21.44 -22.62
N SER A 87 -9.84 22.05 -22.25
CA SER A 87 -9.85 23.39 -21.71
C SER A 87 -9.76 24.46 -22.79
N ALA A 88 -9.66 24.07 -24.05
CA ALA A 88 -9.63 25.01 -25.16
C ALA A 88 -10.97 25.09 -25.87
N GLY A 89 -11.99 24.40 -25.38
CA GLY A 89 -13.33 24.51 -25.92
C GLY A 89 -13.74 23.45 -26.91
N GLU A 90 -12.93 22.42 -27.11
CA GLU A 90 -13.28 21.34 -28.03
C GLU A 90 -13.58 20.08 -27.24
N ALA A 91 -14.52 19.29 -27.76
CA ALA A 91 -14.64 17.91 -27.32
C ALA A 91 -13.39 17.18 -27.78
N GLY A 92 -12.66 16.59 -26.85
CA GLY A 92 -11.41 15.95 -27.19
C GLY A 92 -11.62 14.61 -27.86
N PHE A 93 -10.53 13.88 -27.96
CA PHE A 93 -10.57 12.56 -28.56
C PHE A 93 -10.94 11.47 -27.57
N LEU A 94 -11.08 11.81 -26.30
CA LEU A 94 -11.36 10.83 -25.24
C LEU A 94 -12.71 11.11 -24.62
N PRO A 95 -13.71 10.26 -24.84
CA PRO A 95 -14.96 10.35 -24.11
C PRO A 95 -14.77 9.99 -22.65
N PRO A 96 -15.69 10.36 -21.74
CA PRO A 96 -15.50 10.04 -20.32
C PRO A 96 -15.41 8.54 -20.03
N HIS A 97 -16.14 7.71 -20.77
CA HIS A 97 -16.09 6.28 -20.53
C HIS A 97 -14.77 5.66 -20.97
N HIS A 98 -13.94 6.36 -21.73
CA HIS A 98 -12.57 5.94 -21.99
C HIS A 98 -11.58 6.61 -21.04
N TYR A 99 -11.75 7.91 -20.78
CA TYR A 99 -10.83 8.65 -19.93
C TYR A 99 -10.81 8.12 -18.51
N ASP A 100 -11.97 7.73 -17.99
CA ASP A 100 -12.05 7.29 -16.61
C ASP A 100 -11.37 5.94 -16.42
N GLN A 101 -11.59 5.05 -17.38
CA GLN A 101 -10.83 3.82 -17.50
C GLN A 101 -9.33 4.10 -17.58
N ILE A 102 -8.94 5.15 -18.30
CA ILE A 102 -7.53 5.42 -18.52
C ILE A 102 -6.86 5.91 -17.24
N PHE A 103 -7.49 6.82 -16.48
CA PHE A 103 -6.77 7.20 -15.25
C PHE A 103 -6.83 6.14 -14.17
N THR A 104 -7.92 5.37 -14.07
CA THR A 104 -7.96 4.26 -13.12
C THR A 104 -6.88 3.23 -13.42
N ALA A 105 -6.80 2.82 -14.70
CA ALA A 105 -5.81 1.84 -15.11
C ALA A 105 -4.40 2.39 -14.97
N HIS A 106 -4.22 3.68 -15.25
CA HIS A 106 -2.90 4.25 -15.27
C HIS A 106 -2.35 4.37 -13.84
N GLY A 107 -3.19 4.81 -12.91
CA GLY A 107 -2.77 4.87 -11.52
C GLY A 107 -2.47 3.50 -10.94
N VAL A 108 -3.30 2.50 -11.30
CA VAL A 108 -3.05 1.13 -10.87
C VAL A 108 -1.73 0.61 -11.45
N ILE A 109 -1.50 0.85 -12.75
CA ILE A 109 -0.32 0.32 -13.44
C ILE A 109 0.94 0.95 -12.89
N MET A 110 0.97 2.29 -12.78
CA MET A 110 2.03 3.01 -12.09
C MET A 110 2.34 2.51 -10.71
N ILE A 111 1.40 2.63 -9.75
CA ILE A 111 1.64 2.27 -8.35
C ILE A 111 2.11 0.82 -8.26
N PHE A 112 1.25 -0.13 -8.66
CA PHE A 112 1.58 -1.51 -8.44
C PHE A 112 2.67 -1.96 -9.39
N PHE A 113 2.42 -1.98 -10.69
CA PHE A 113 3.29 -2.67 -11.61
C PHE A 113 4.40 -1.78 -12.16
N VAL A 114 4.67 -0.63 -11.57
CA VAL A 114 5.90 0.07 -11.90
C VAL A 114 6.63 0.34 -10.61
N ALA A 115 5.93 0.93 -9.63
CA ALA A 115 6.63 1.35 -8.44
C ALA A 115 6.97 0.16 -7.55
N MET A 116 6.08 -0.84 -7.45
CA MET A 116 6.39 -2.03 -6.66
C MET A 116 7.50 -2.89 -7.26
N PRO A 117 7.45 -3.40 -8.53
CA PRO A 117 8.47 -4.34 -9.02
C PRO A 117 9.89 -3.74 -9.06
N PHE A 118 10.01 -2.45 -9.41
CA PHE A 118 11.36 -1.86 -9.54
C PHE A 118 12.06 -1.92 -8.17
N VAL A 119 11.36 -1.55 -7.10
CA VAL A 119 12.01 -1.49 -5.76
C VAL A 119 12.19 -2.92 -5.25
N ILE A 120 11.31 -3.84 -5.65
CA ILE A 120 11.40 -5.22 -5.18
C ILE A 120 12.49 -5.96 -5.95
N GLY A 121 12.63 -5.64 -7.24
CA GLY A 121 13.74 -6.17 -8.01
C GLY A 121 15.10 -5.66 -7.57
N LEU A 122 15.15 -4.41 -7.10
CA LEU A 122 16.40 -3.89 -6.58
C LEU A 122 16.83 -4.61 -5.30
N MET A 123 15.85 -4.90 -4.43
CA MET A 123 16.15 -5.70 -3.24
C MET A 123 16.59 -7.11 -3.62
N ASN A 124 15.88 -7.75 -4.56
CA ASN A 124 16.27 -9.06 -5.10
C ASN A 124 17.66 -9.08 -5.72
N LEU A 125 18.06 -7.99 -6.40
CA LEU A 125 19.42 -7.92 -6.88
C LEU A 125 20.42 -7.87 -5.73
N VAL A 126 20.37 -6.83 -4.91
CA VAL A 126 21.56 -6.49 -4.15
C VAL A 126 21.46 -6.74 -2.65
N VAL A 127 20.27 -7.02 -2.09
CA VAL A 127 20.19 -7.33 -0.66
C VAL A 127 20.92 -8.62 -0.27
N PRO A 128 20.73 -9.78 -0.94
CA PRO A 128 21.53 -10.95 -0.54
C PRO A 128 23.01 -10.80 -0.83
N LEU A 129 23.33 -10.02 -1.84
CA LEU A 129 24.73 -9.67 -2.10
C LEU A 129 25.26 -8.73 -1.02
N GLN A 130 24.41 -7.84 -0.49
CA GLN A 130 24.87 -6.92 0.54
C GLN A 130 25.07 -7.61 1.88
N ILE A 131 24.29 -8.65 2.17
CA ILE A 131 24.39 -9.28 3.48
C ILE A 131 25.29 -10.50 3.41
N GLY A 132 25.87 -10.76 2.25
CA GLY A 132 26.70 -11.94 2.09
C GLY A 132 25.95 -13.24 2.13
N ALA A 133 24.77 -13.29 1.54
CA ALA A 133 24.00 -14.52 1.42
C ALA A 133 24.10 -15.03 -0.01
N ARG A 134 24.10 -16.35 -0.16
CA ARG A 134 24.17 -16.91 -1.50
C ARG A 134 22.87 -16.76 -2.26
N ASP A 135 21.72 -16.76 -1.57
CA ASP A 135 20.42 -16.52 -2.18
C ASP A 135 19.50 -16.14 -1.03
N VAL A 136 18.22 -15.91 -1.35
CA VAL A 136 17.20 -15.55 -0.36
C VAL A 136 16.78 -16.77 0.43
N ALA A 137 15.98 -16.54 1.49
CA ALA A 137 15.55 -17.62 2.37
C ALA A 137 14.64 -18.61 1.65
N PHE A 138 13.76 -18.11 0.80
CA PHE A 138 12.75 -18.95 0.15
C PHE A 138 12.80 -18.68 -1.35
N PRO A 139 13.62 -19.42 -2.09
CA PRO A 139 13.88 -19.10 -3.50
C PRO A 139 12.70 -19.39 -4.43
N PHE A 140 12.07 -20.54 -4.21
CA PHE A 140 10.89 -20.90 -4.98
C PHE A 140 9.75 -19.93 -4.70
N LEU A 141 9.64 -19.46 -3.46
CA LEU A 141 8.63 -18.48 -3.11
C LEU A 141 8.89 -17.16 -3.81
N ASN A 142 10.17 -16.80 -3.98
CA ASN A 142 10.54 -15.61 -4.72
C ASN A 142 10.12 -15.71 -6.19
N ASN A 143 10.37 -16.89 -6.80
CA ASN A 143 9.94 -17.12 -8.18
C ASN A 143 8.42 -17.07 -8.32
N LEU A 144 7.72 -17.67 -7.35
CA LEU A 144 6.26 -17.69 -7.36
C LEU A 144 5.68 -16.30 -7.21
N SER A 145 6.30 -15.47 -6.38
CA SER A 145 5.85 -14.10 -6.19
C SER A 145 6.07 -13.26 -7.43
N PHE A 146 7.20 -13.48 -8.13
CA PHE A 146 7.40 -12.88 -9.44
C PHE A 146 6.27 -13.23 -10.39
N TRP A 147 5.90 -14.49 -10.41
CA TRP A 147 4.92 -14.89 -11.40
C TRP A 147 3.51 -14.43 -11.02
N PHE A 148 3.22 -14.25 -9.73
CA PHE A 148 1.96 -13.61 -9.34
C PHE A 148 1.90 -12.15 -9.77
N THR A 149 3.02 -11.43 -9.66
CA THR A 149 3.08 -10.06 -10.16
C THR A 149 2.85 -10.01 -11.67
N VAL A 150 3.40 -10.99 -12.38
CA VAL A 150 3.21 -11.09 -13.82
C VAL A 150 1.74 -11.36 -14.16
N VAL A 151 1.07 -12.17 -13.33
CA VAL A 151 -0.35 -12.47 -13.52
C VAL A 151 -1.19 -11.20 -13.39
N GLY A 152 -0.88 -10.37 -12.38
CA GLY A 152 -1.57 -9.09 -12.25
C GLY A 152 -1.36 -8.16 -13.43
N VAL A 153 -0.11 -8.11 -13.93
CA VAL A 153 0.22 -7.32 -15.13
C VAL A 153 -0.60 -7.81 -16.33
N ILE A 154 -0.71 -9.13 -16.48
CA ILE A 154 -1.45 -9.75 -17.58
C ILE A 154 -2.92 -9.37 -17.52
N LEU A 155 -3.50 -9.41 -16.31
CA LEU A 155 -4.91 -9.07 -16.14
C LEU A 155 -5.21 -7.63 -16.52
N VAL A 156 -4.36 -6.70 -16.08
CA VAL A 156 -4.60 -5.30 -16.42
C VAL A 156 -4.39 -5.03 -17.90
N ASN A 157 -3.39 -5.68 -18.51
CA ASN A 157 -3.16 -5.49 -19.94
C ASN A 157 -4.30 -6.02 -20.79
N VAL A 158 -4.85 -7.18 -20.42
CA VAL A 158 -5.97 -7.73 -21.19
C VAL A 158 -7.21 -6.85 -21.04
N SER A 159 -7.46 -6.34 -19.83
CA SER A 159 -8.58 -5.44 -19.61
C SER A 159 -8.44 -4.14 -20.40
N LEU A 160 -7.24 -3.58 -20.46
CA LEU A 160 -7.05 -2.36 -21.24
C LEU A 160 -7.11 -2.62 -22.75
N GLY A 161 -6.63 -3.77 -23.19
CA GLY A 161 -6.71 -4.08 -24.61
C GLY A 161 -8.12 -4.28 -25.09
N VAL A 162 -8.93 -4.98 -24.28
CA VAL A 162 -10.34 -5.16 -24.61
C VAL A 162 -11.10 -3.84 -24.54
N GLY A 163 -10.74 -2.99 -23.58
CA GLY A 163 -11.47 -1.77 -23.36
C GLY A 163 -12.39 -1.81 -22.17
N GLU A 164 -12.18 -2.74 -21.25
CA GLU A 164 -13.04 -2.94 -20.08
C GLU A 164 -12.18 -3.02 -18.83
N PHE A 165 -11.84 -1.87 -18.25
CA PHE A 165 -11.24 -1.81 -16.94
C PHE A 165 -12.14 -0.93 -16.08
N ALA A 166 -11.82 -0.87 -14.78
CA ALA A 166 -12.60 -0.10 -13.83
C ALA A 166 -12.54 1.38 -14.16
N GLN A 167 -13.58 2.09 -13.77
CA GLN A 167 -13.82 3.47 -14.15
C GLN A 167 -14.09 4.31 -12.91
N THR A 168 -13.36 4.02 -11.84
CA THR A 168 -13.72 4.49 -10.50
C THR A 168 -12.60 5.25 -9.80
N GLY A 169 -11.49 5.50 -10.48
CA GLY A 169 -10.29 5.89 -9.78
C GLY A 169 -9.51 4.68 -9.31
N TRP A 170 -8.22 4.88 -9.08
CA TRP A 170 -7.31 3.75 -8.93
C TRP A 170 -7.50 2.97 -7.64
N LEU A 171 -8.32 3.49 -6.73
CA LEU A 171 -8.58 2.80 -5.43
C LEU A 171 -10.00 2.27 -5.36
N ALA A 172 -10.83 2.54 -6.36
CA ALA A 172 -12.19 1.97 -6.38
C ALA A 172 -12.95 2.28 -5.08
N TYR A 173 -13.22 3.55 -4.81
CA TYR A 173 -14.04 3.91 -3.63
C TYR A 173 -15.33 3.14 -3.75
N PRO A 174 -15.93 2.70 -2.63
CA PRO A 174 -17.04 1.76 -2.70
C PRO A 174 -18.44 1.94 -3.31
N PRO A 175 -19.19 3.04 -3.17
CA PRO A 175 -20.54 3.05 -3.75
C PRO A 175 -20.40 2.94 -5.27
N LEU A 176 -19.48 3.71 -5.84
CA LEU A 176 -19.28 3.69 -7.30
C LEU A 176 -18.82 2.30 -7.71
N SER A 177 -17.87 1.74 -6.98
CA SER A 177 -17.34 0.40 -7.28
C SER A 177 -18.41 -0.67 -7.06
N GLY A 178 -19.47 -0.35 -6.32
CA GLY A 178 -20.54 -1.33 -6.05
C GLY A 178 -21.13 -1.93 -7.30
N ILE A 179 -21.66 -3.14 -7.18
CA ILE A 179 -22.23 -3.85 -8.35
C ILE A 179 -23.40 -3.04 -8.91
N GLU A 180 -23.96 -2.12 -8.12
CA GLU A 180 -25.13 -1.34 -8.55
C GLU A 180 -24.73 -0.25 -9.55
N TYR A 181 -23.69 0.52 -9.25
CA TYR A 181 -23.32 1.62 -10.13
C TYR A 181 -22.21 1.26 -11.10
N SER A 182 -21.53 0.14 -10.88
CA SER A 182 -20.60 -0.42 -11.85
C SER A 182 -20.96 -1.87 -12.08
N PRO A 183 -21.94 -2.14 -12.95
CA PRO A 183 -22.30 -3.54 -13.23
C PRO A 183 -21.31 -4.27 -14.11
N GLY A 184 -20.42 -3.55 -14.79
CA GLY A 184 -19.51 -4.16 -15.73
C GLY A 184 -18.38 -4.91 -15.07
N VAL A 185 -17.55 -5.52 -15.91
CA VAL A 185 -16.53 -6.46 -15.44
C VAL A 185 -15.22 -5.80 -15.09
N GLY A 186 -15.08 -4.48 -15.29
CA GLY A 186 -13.79 -3.84 -15.13
C GLY A 186 -13.31 -3.78 -13.70
N VAL A 187 -14.24 -3.63 -12.77
CA VAL A 187 -13.89 -3.63 -11.35
C VAL A 187 -13.45 -5.02 -10.92
N ASP A 188 -13.98 -6.06 -11.55
CA ASP A 188 -13.49 -7.41 -11.29
C ASP A 188 -12.06 -7.60 -11.79
N TYR A 189 -11.72 -6.99 -12.92
CA TYR A 189 -10.36 -7.00 -13.41
C TYR A 189 -9.42 -6.34 -12.42
N TRP A 190 -9.84 -5.17 -11.91
CA TRP A 190 -9.11 -4.46 -10.85
C TRP A 190 -8.94 -5.34 -9.62
N ILE A 191 -10.02 -6.00 -9.21
CA ILE A 191 -10.05 -6.81 -7.99
C ILE A 191 -9.08 -7.96 -8.11
N TRP A 192 -9.09 -8.67 -9.22
CA TRP A 192 -8.28 -9.88 -9.24
C TRP A 192 -6.83 -9.59 -9.55
N SER A 193 -6.55 -8.49 -10.27
CA SER A 193 -5.16 -8.06 -10.42
C SER A 193 -4.54 -7.70 -9.08
N LEU A 194 -5.25 -6.91 -8.27
CA LEU A 194 -4.71 -6.57 -6.95
C LEU A 194 -4.67 -7.75 -5.99
N GLN A 195 -5.64 -8.68 -6.04
CA GLN A 195 -5.52 -9.90 -5.22
C GLN A 195 -4.28 -10.71 -5.55
N LEU A 196 -4.07 -11.05 -6.83
CA LEU A 196 -2.96 -11.96 -7.14
C LEU A 196 -1.62 -11.27 -6.95
N SER A 197 -1.52 -10.00 -7.31
CA SER A 197 -0.26 -9.28 -7.09
C SER A 197 -0.03 -9.01 -5.61
N GLY A 198 -1.10 -8.88 -4.81
CA GLY A 198 -0.91 -8.68 -3.38
C GLY A 198 -0.48 -9.93 -2.65
N ILE A 199 -0.95 -11.10 -3.10
CA ILE A 199 -0.40 -12.36 -2.60
C ILE A 199 1.09 -12.45 -2.91
N GLY A 200 1.46 -12.12 -4.15
CA GLY A 200 2.88 -12.11 -4.50
C GLY A 200 3.70 -11.15 -3.67
N THR A 201 3.16 -9.96 -3.40
CA THR A 201 3.88 -8.96 -2.62
C THR A 201 4.03 -9.39 -1.17
N THR A 202 2.99 -9.99 -0.59
CA THR A 202 3.06 -10.47 0.79
C THR A 202 4.11 -11.57 0.92
N LEU A 203 4.20 -12.44 -0.08
CA LEU A 203 5.24 -13.46 -0.09
C LEU A 203 6.64 -12.85 -0.22
N THR A 204 6.81 -11.80 -1.04
CA THR A 204 8.10 -11.11 -1.12
C THR A 204 8.50 -10.51 0.21
N GLY A 205 7.54 -9.89 0.90
CA GLY A 205 7.84 -9.24 2.16
C GLY A 205 8.26 -10.22 3.23
N ILE A 206 7.55 -11.35 3.32
CA ILE A 206 7.92 -12.41 4.26
C ILE A 206 9.30 -12.96 3.92
N ASN A 207 9.56 -13.19 2.63
CA ASN A 207 10.81 -13.76 2.16
C ASN A 207 12.00 -12.87 2.50
N PHE A 208 11.87 -11.57 2.26
CA PHE A 208 12.98 -10.68 2.60
C PHE A 208 13.12 -10.42 4.09
N PHE A 209 12.04 -10.42 4.85
CA PHE A 209 12.17 -10.28 6.29
C PHE A 209 12.99 -11.43 6.88
N VAL A 210 12.67 -12.64 6.44
CA VAL A 210 13.41 -13.81 6.93
C VAL A 210 14.83 -13.83 6.38
N THR A 211 15.01 -13.40 5.12
CA THR A 211 16.34 -13.38 4.50
C THR A 211 17.26 -12.40 5.21
N ILE A 212 16.77 -11.20 5.51
CA ILE A 212 17.59 -10.20 6.17
C ILE A 212 17.88 -10.60 7.62
N LEU A 213 16.89 -11.16 8.31
CA LEU A 213 17.14 -11.50 9.71
C LEU A 213 17.99 -12.75 9.90
N LYS A 214 17.88 -13.74 9.01
CA LYS A 214 18.46 -15.04 9.30
C LYS A 214 19.72 -15.37 8.54
N MET A 215 19.96 -14.78 7.37
CA MET A 215 21.01 -15.28 6.48
C MET A 215 22.11 -14.27 6.19
N ARG A 216 22.33 -13.29 7.06
CA ARG A 216 23.47 -12.44 6.77
C ARG A 216 24.76 -13.10 7.23
N ALA A 217 25.87 -12.54 6.77
CA ALA A 217 27.19 -13.12 6.98
C ALA A 217 27.56 -13.08 8.46
N PRO A 218 28.41 -14.00 8.92
CA PRO A 218 28.84 -13.97 10.32
C PRO A 218 29.69 -12.73 10.59
N GLY A 219 29.43 -12.09 11.71
CA GLY A 219 30.05 -10.83 12.03
C GLY A 219 29.20 -9.63 11.66
N MET A 220 28.35 -9.75 10.65
CA MET A 220 27.38 -8.71 10.40
C MET A 220 26.31 -8.70 11.48
N THR A 221 26.42 -7.76 12.42
CA THR A 221 25.34 -7.55 13.36
C THR A 221 24.24 -6.72 12.70
N MET A 222 23.33 -6.24 13.53
CA MET A 222 22.27 -5.40 12.98
C MET A 222 22.81 -4.02 12.60
N PHE A 223 23.64 -3.44 13.45
CA PHE A 223 24.13 -2.10 13.20
C PHE A 223 25.41 -2.07 12.40
N LYS A 224 25.76 -3.18 11.77
CA LYS A 224 26.80 -3.21 10.76
C LYS A 224 26.25 -3.52 9.38
N MET A 225 24.93 -3.67 9.23
CA MET A 225 24.35 -3.88 7.93
C MET A 225 24.47 -2.60 7.09
N PRO A 226 24.45 -2.73 5.76
CA PRO A 226 24.35 -1.53 4.93
C PRO A 226 23.00 -0.86 5.10
N VAL A 227 22.94 0.41 4.69
CA VAL A 227 21.75 1.21 4.91
C VAL A 227 20.61 0.74 4.02
N PHE A 228 20.92 0.32 2.78
CA PHE A 228 19.91 -0.20 1.90
C PHE A 228 19.31 -1.50 2.44
N THR A 229 20.10 -2.28 3.17
CA THR A 229 19.58 -3.46 3.85
C THR A 229 18.58 -3.09 4.95
N TRP A 230 18.92 -2.06 5.75
CA TRP A 230 18.03 -1.58 6.81
C TRP A 230 16.72 -1.07 6.23
N ALA A 231 16.83 -0.32 5.13
CA ALA A 231 15.66 0.22 4.45
C ALA A 231 14.80 -0.88 3.85
N SER A 232 15.45 -1.92 3.30
CA SER A 232 14.72 -3.05 2.74
C SER A 232 14.00 -3.83 3.84
N LEU A 233 14.67 -4.03 4.98
CA LEU A 233 14.06 -4.66 6.14
C LEU A 233 12.82 -3.91 6.59
N CYS A 234 12.93 -2.59 6.65
CA CYS A 234 11.83 -1.76 7.13
C CYS A 234 10.66 -1.75 6.16
N ALA A 235 10.94 -1.64 4.86
CA ALA A 235 9.88 -1.69 3.87
C ALA A 235 9.23 -3.06 3.80
N ASN A 236 9.96 -4.13 4.09
CA ASN A 236 9.36 -5.45 4.08
C ASN A 236 8.51 -5.68 5.32
N VAL A 237 8.91 -5.09 6.45
CA VAL A 237 8.04 -5.04 7.63
C VAL A 237 6.72 -4.37 7.29
N LEU A 238 6.79 -3.25 6.59
CA LEU A 238 5.57 -2.55 6.17
C LEU A 238 4.74 -3.36 5.18
N ILE A 239 5.39 -4.10 4.29
CA ILE A 239 4.69 -4.96 3.34
C ILE A 239 3.90 -6.04 4.07
N ILE A 240 4.57 -6.70 5.03
CA ILE A 240 3.94 -7.76 5.82
C ILE A 240 2.79 -7.20 6.64
N ALA A 241 2.99 -6.05 7.25
CA ALA A 241 1.97 -5.52 8.13
C ALA A 241 0.83 -4.82 7.40
N SER A 242 0.99 -4.50 6.12
CA SER A 242 -0.05 -3.73 5.44
C SER A 242 -0.77 -4.48 4.33
N PHE A 243 -0.12 -5.39 3.61
CA PHE A 243 -0.80 -6.04 2.49
C PHE A 243 -1.92 -7.02 2.85
N PRO A 244 -1.94 -7.64 4.04
CA PRO A 244 -3.20 -8.26 4.50
C PRO A 244 -4.40 -7.33 4.56
N ILE A 245 -4.20 -6.05 4.87
CA ILE A 245 -5.31 -5.09 4.88
C ILE A 245 -5.87 -4.93 3.48
N LEU A 246 -4.99 -4.82 2.49
CA LEU A 246 -5.41 -4.75 1.09
C LEU A 246 -6.13 -6.03 0.68
N THR A 247 -5.61 -7.17 1.11
CA THR A 247 -6.21 -8.46 0.79
C THR A 247 -7.63 -8.57 1.35
N VAL A 248 -7.81 -8.22 2.62
CA VAL A 248 -9.13 -8.29 3.23
C VAL A 248 -10.07 -7.27 2.62
N THR A 249 -9.58 -6.05 2.36
CA THR A 249 -10.44 -4.97 1.89
C THR A 249 -10.95 -5.25 0.48
N VAL A 250 -10.07 -5.71 -0.41
CA VAL A 250 -10.51 -6.04 -1.75
C VAL A 250 -11.29 -7.35 -1.76
N ALA A 251 -11.05 -8.25 -0.79
CA ALA A 251 -11.90 -9.43 -0.66
C ALA A 251 -13.30 -9.07 -0.19
N LEU A 252 -13.43 -8.04 0.64
CA LEU A 252 -14.76 -7.58 1.06
C LEU A 252 -15.49 -6.91 -0.09
N LEU A 253 -14.77 -6.15 -0.90
CA LEU A 253 -15.36 -5.63 -2.14
C LEU A 253 -15.77 -6.75 -3.08
N THR A 254 -14.99 -7.83 -3.11
CA THR A 254 -15.30 -9.01 -3.91
C THR A 254 -16.59 -9.67 -3.43
N LEU A 255 -16.75 -9.79 -2.11
CA LEU A 255 -17.96 -10.36 -1.56
C LEU A 255 -19.16 -9.45 -1.80
N ASP A 256 -18.93 -8.14 -1.83
CA ASP A 256 -20.01 -7.22 -2.15
C ASP A 256 -20.44 -7.35 -3.60
N ARG A 257 -19.51 -7.62 -4.49
CA ARG A 257 -19.86 -7.66 -5.92
C ARG A 257 -20.26 -9.04 -6.40
N TYR A 258 -19.90 -10.11 -5.69
CA TYR A 258 -20.20 -11.46 -6.16
C TYR A 258 -21.29 -12.15 -5.38
N LEU A 259 -21.40 -11.90 -4.08
CA LEU A 259 -22.40 -12.56 -3.26
C LEU A 259 -23.55 -11.65 -2.87
N GLY A 260 -23.54 -10.40 -3.32
CA GLY A 260 -24.62 -9.50 -2.98
C GLY A 260 -24.63 -9.06 -1.54
N THR A 261 -23.49 -9.09 -0.87
CA THR A 261 -23.43 -8.74 0.54
C THR A 261 -23.48 -7.22 0.71
N HIS A 262 -23.34 -6.79 1.96
CA HIS A 262 -23.63 -5.40 2.32
C HIS A 262 -22.57 -4.82 3.23
N PHE A 263 -21.30 -4.98 2.85
CA PHE A 263 -20.25 -4.33 3.62
C PHE A 263 -20.25 -2.83 3.41
N PHE A 264 -20.29 -2.40 2.16
CA PHE A 264 -20.13 -0.99 1.82
C PHE A 264 -21.24 -0.52 0.89
N THR A 265 -22.42 -1.11 0.97
CA THR A 265 -23.40 -0.97 -0.10
C THR A 265 -24.52 -0.01 0.23
N ASN A 266 -24.33 0.90 1.18
CA ASN A 266 -24.99 2.21 1.23
C ASN A 266 -26.46 2.08 1.66
N ASP A 267 -27.03 0.87 1.75
CA ASP A 267 -28.46 0.87 2.03
C ASP A 267 -28.90 -0.09 3.12
N MET A 268 -28.23 -1.23 3.29
CA MET A 268 -28.76 -2.29 4.12
C MET A 268 -27.86 -2.54 5.34
N GLY A 269 -27.44 -1.47 5.98
CA GLY A 269 -26.49 -1.57 7.07
C GLY A 269 -25.05 -1.52 6.64
N GLY A 270 -24.78 -1.26 5.36
CA GLY A 270 -23.41 -1.13 4.91
C GLY A 270 -22.80 0.20 5.30
N ASN A 271 -21.49 0.30 5.10
CA ASN A 271 -20.77 1.53 5.42
C ASN A 271 -19.59 1.65 4.48
N MET A 272 -19.75 2.49 3.46
CA MET A 272 -18.69 2.73 2.48
C MET A 272 -17.47 3.42 3.09
N MET A 273 -17.70 4.10 4.21
CA MET A 273 -16.63 4.81 4.91
C MET A 273 -15.70 3.80 5.56
N MET A 274 -16.17 2.58 5.83
CA MET A 274 -15.30 1.54 6.36
C MET A 274 -14.31 1.07 5.31
N TYR A 275 -14.75 0.96 4.06
CA TYR A 275 -13.82 0.67 2.96
C TYR A 275 -12.80 1.79 2.79
N ILE A 276 -13.25 3.05 2.85
CA ILE A 276 -12.28 4.13 2.64
C ILE A 276 -11.23 4.17 3.75
N ASN A 277 -11.68 3.95 4.99
CA ASN A 277 -10.79 3.81 6.13
C ASN A 277 -9.81 2.67 5.97
N LEU A 278 -10.29 1.49 5.56
CA LEU A 278 -9.42 0.33 5.45
C LEU A 278 -8.48 0.45 4.25
N ILE A 279 -8.96 1.00 3.15
CA ILE A 279 -8.14 1.12 1.96
C ILE A 279 -7.04 2.14 2.17
N TRP A 280 -7.27 3.16 3.01
CA TRP A 280 -6.15 4.07 3.25
C TRP A 280 -5.28 3.59 4.40
N ALA A 281 -5.82 2.74 5.27
CA ALA A 281 -5.00 2.05 6.24
C ALA A 281 -4.00 1.13 5.57
N TRP A 282 -4.38 0.54 4.43
CA TRP A 282 -3.38 -0.10 3.60
C TRP A 282 -2.51 0.92 2.88
N GLY A 283 -3.13 1.94 2.28
CA GLY A 283 -2.49 2.76 1.28
C GLY A 283 -1.44 3.71 1.79
N HIS A 284 -1.51 4.11 3.05
CA HIS A 284 -0.41 4.95 3.46
C HIS A 284 0.86 4.21 3.90
N PRO A 285 0.82 3.00 4.46
CA PRO A 285 2.08 2.22 4.48
C PRO A 285 2.62 1.87 3.11
N GLU A 286 1.78 1.83 2.07
CA GLU A 286 2.22 1.62 0.69
C GLU A 286 3.18 2.70 0.23
N VAL A 287 2.88 3.95 0.56
CA VAL A 287 3.77 5.10 0.46
C VAL A 287 5.19 4.79 0.91
N TYR A 288 5.34 4.25 2.11
CA TYR A 288 6.69 4.13 2.63
C TYR A 288 7.31 2.81 2.25
N ILE A 289 6.49 1.84 1.84
CA ILE A 289 6.99 0.70 1.06
C ILE A 289 7.69 1.19 -0.18
N LEU A 290 7.13 2.21 -0.83
CA LEU A 290 7.78 2.77 -2.01
C LEU A 290 9.01 3.59 -1.65
N ILE A 291 8.94 4.38 -0.58
CA ILE A 291 9.99 5.38 -0.38
C ILE A 291 11.14 4.91 0.52
N LEU A 292 10.98 3.81 1.28
CA LEU A 292 12.07 3.38 2.16
C LEU A 292 13.26 2.78 1.42
N PRO A 293 13.12 1.75 0.53
CA PRO A 293 14.33 1.22 -0.12
C PRO A 293 14.99 2.21 -1.03
N VAL A 294 14.22 3.15 -1.58
CA VAL A 294 14.76 4.26 -2.36
C VAL A 294 15.67 5.14 -1.51
N PHE A 295 15.24 5.42 -0.27
CA PHE A 295 16.10 6.12 0.69
C PHE A 295 17.39 5.34 0.94
N GLY A 296 17.27 4.01 0.99
CA GLY A 296 18.47 3.18 1.11
C GLY A 296 19.41 3.31 -0.08
N VAL A 297 18.87 3.31 -1.30
CA VAL A 297 19.68 3.48 -2.51
C VAL A 297 20.39 4.83 -2.49
N PHE A 298 19.69 5.87 -2.06
CA PHE A 298 20.28 7.20 -2.08
C PHE A 298 21.38 7.34 -1.04
N SER A 299 21.22 6.70 0.11
CA SER A 299 22.30 6.68 1.10
C SER A 299 23.53 5.94 0.56
N GLU A 300 23.31 4.79 -0.09
CA GLU A 300 24.43 4.04 -0.66
C GLU A 300 25.15 4.82 -1.75
N ILE A 301 24.39 5.45 -2.65
CA ILE A 301 24.96 6.16 -3.78
C ILE A 301 25.70 7.41 -3.32
N ALA A 302 25.13 8.14 -2.36
CA ALA A 302 25.80 9.31 -1.80
C ALA A 302 27.11 8.91 -1.12
N ALA A 303 27.09 7.80 -0.37
CA ALA A 303 28.30 7.35 0.30
C ALA A 303 29.38 6.93 -0.69
N THR A 304 29.01 6.24 -1.76
CA THR A 304 30.06 5.74 -2.65
C THR A 304 30.54 6.82 -3.61
N PHE A 305 29.72 7.81 -3.93
CA PHE A 305 30.10 8.75 -4.95
C PHE A 305 30.54 10.08 -4.35
N SER A 306 30.41 10.22 -3.04
CA SER A 306 31.10 11.28 -2.34
C SER A 306 32.53 10.90 -1.97
N ARG A 307 32.91 9.63 -2.18
CA ARG A 307 34.26 9.16 -1.75
C ARG A 307 34.40 9.56 -0.28
N LYS A 308 33.47 9.10 0.56
CA LYS A 308 33.42 9.52 1.95
C LYS A 308 32.43 8.62 2.67
N ARG A 309 32.73 8.28 3.91
CA ARG A 309 31.83 7.44 4.70
C ARG A 309 30.55 8.22 4.99
N LEU A 310 29.42 7.51 4.96
CA LEU A 310 28.11 8.12 5.20
C LEU A 310 28.00 8.73 6.58
N PHE A 311 27.45 9.94 6.63
CA PHE A 311 27.38 10.71 7.86
C PHE A 311 26.22 10.25 8.72
N GLY A 312 26.51 9.95 9.99
CA GLY A 312 25.49 9.66 10.97
C GLY A 312 24.67 8.43 10.68
N TYR A 313 25.31 7.26 10.75
CA TYR A 313 24.66 6.01 10.38
C TYR A 313 23.53 5.68 11.35
N THR A 314 23.81 5.77 12.65
CA THR A 314 22.86 5.31 13.66
C THR A 314 21.62 6.19 13.69
N SER A 315 21.80 7.50 13.53
CA SER A 315 20.68 8.42 13.49
C SER A 315 19.79 8.18 12.28
N LEU A 316 20.40 7.86 11.13
CA LEU A 316 19.63 7.65 9.92
C LEU A 316 18.90 6.30 9.98
N VAL A 317 19.53 5.30 10.61
CA VAL A 317 18.88 4.01 10.81
C VAL A 317 17.68 4.16 11.76
N TRP A 318 17.86 4.90 12.85
CA TRP A 318 16.75 5.14 13.75
C TRP A 318 15.67 6.00 13.12
N ALA A 319 16.04 6.87 12.18
CA ALA A 319 15.04 7.61 11.41
C ALA A 319 14.24 6.67 10.51
N THR A 320 14.91 5.68 9.90
CA THR A 320 14.22 4.68 9.09
C THR A 320 13.21 3.89 9.92
N VAL A 321 13.64 3.45 11.11
CA VAL A 321 12.75 2.67 11.97
C VAL A 321 11.64 3.56 12.55
N CYS A 322 11.93 4.84 12.75
CA CYS A 322 10.91 5.78 13.22
C CYS A 322 9.81 5.96 12.17
N ILE A 323 10.21 6.15 10.90
CA ILE A 323 9.26 6.20 9.79
C ILE A 323 8.46 4.91 9.72
N THR A 324 9.14 3.79 9.93
CA THR A 324 8.56 2.46 9.83
C THR A 324 7.45 2.24 10.85
N VAL A 325 7.61 2.65 12.10
CA VAL A 325 6.47 2.48 13.04
C VAL A 325 5.43 3.58 12.82
N LEU A 326 5.86 4.80 12.57
CA LEU A 326 4.94 5.96 12.47
C LEU A 326 3.99 5.82 11.30
N SER A 327 4.42 5.19 10.22
CA SER A 327 3.55 5.08 9.02
C SER A 327 2.20 4.45 9.33
N PHE A 328 1.96 4.02 10.57
CA PHE A 328 0.70 3.32 10.76
C PHE A 328 -0.32 4.10 11.56
N ILE A 329 -0.07 5.37 11.88
CA ILE A 329 -1.00 6.13 12.70
C ILE A 329 -1.39 7.43 12.01
N VAL A 330 -1.34 7.45 10.68
CA VAL A 330 -1.49 8.68 9.93
C VAL A 330 -2.51 8.60 8.82
N TRP A 331 -3.18 7.47 8.64
CA TRP A 331 -3.88 7.20 7.38
C TRP A 331 -5.16 8.01 7.19
N LEU A 332 -5.66 8.70 8.22
CA LEU A 332 -6.87 9.49 8.03
C LEU A 332 -6.62 10.76 7.22
N HIS A 333 -5.36 11.16 7.01
CA HIS A 333 -5.09 12.40 6.29
C HIS A 333 -5.54 12.35 4.83
N HIS A 334 -5.81 11.18 4.30
CA HIS A 334 -6.44 11.08 3.00
C HIS A 334 -7.92 11.44 3.04
N PHE A 335 -8.56 11.38 4.21
CA PHE A 335 -9.95 11.84 4.36
C PHE A 335 -10.06 12.73 5.61
N PHE A 336 -9.62 13.97 5.47
CA PHE A 336 -10.05 15.08 6.30
C PHE A 336 -11.40 15.64 5.91
N THR A 337 -11.75 15.58 4.63
CA THR A 337 -12.99 16.20 4.18
C THR A 337 -14.20 15.29 4.38
N MET A 338 -14.01 14.12 4.96
CA MET A 338 -15.15 13.22 5.14
C MET A 338 -16.03 13.64 6.30
N GLY A 339 -15.44 14.08 7.41
CA GLY A 339 -16.27 14.57 8.49
C GLY A 339 -16.07 14.05 9.90
N ALA A 340 -14.91 13.50 10.21
CA ALA A 340 -14.54 13.37 11.62
C ALA A 340 -14.28 14.76 12.18
N GLY A 341 -14.88 15.07 13.32
CA GLY A 341 -14.88 16.46 13.72
C GLY A 341 -13.75 16.88 14.63
N ALA A 342 -12.66 17.32 14.02
CA ALA A 342 -11.59 18.17 14.54
C ALA A 342 -10.70 17.54 15.61
N ASN A 343 -11.18 16.51 16.32
CA ASN A 343 -10.34 15.84 17.30
C ASN A 343 -9.50 14.79 16.59
N VAL A 344 -10.17 13.96 15.79
CA VAL A 344 -9.49 12.93 15.03
C VAL A 344 -8.67 13.56 13.92
N ASN A 345 -9.20 14.61 13.29
CA ASN A 345 -8.48 15.34 12.26
C ASN A 345 -7.24 16.01 12.82
N ALA A 346 -7.36 16.61 14.01
CA ALA A 346 -6.20 17.21 14.66
C ALA A 346 -5.15 16.16 15.00
N PHE A 347 -5.59 15.01 15.52
CA PHE A 347 -4.67 13.95 15.91
C PHE A 347 -3.87 13.42 14.72
N PHE A 348 -4.55 13.16 13.61
CA PHE A 348 -3.87 12.60 12.46
C PHE A 348 -3.01 13.63 11.75
N GLY A 349 -3.39 14.92 11.79
CA GLY A 349 -2.50 15.96 11.29
C GLY A 349 -1.20 16.05 12.07
N ILE A 350 -1.29 15.96 13.41
CA ILE A 350 -0.08 16.01 14.23
C ILE A 350 0.83 14.83 13.92
N THR A 351 0.25 13.63 13.79
CA THR A 351 1.08 12.46 13.51
C THR A 351 1.70 12.49 12.11
N THR A 352 1.04 13.15 11.16
CA THR A 352 1.64 13.30 9.84
C THR A 352 2.84 14.26 9.87
N MET A 353 2.79 15.28 10.73
CA MET A 353 3.99 16.09 10.92
C MET A 353 5.10 15.32 11.65
N ILE A 354 4.70 14.38 12.51
CA ILE A 354 5.69 13.54 13.17
C ILE A 354 6.37 12.62 12.16
N ILE A 355 5.65 12.18 11.12
CA ILE A 355 6.27 11.59 9.93
C ILE A 355 7.29 12.54 9.33
N ALA A 356 6.94 13.83 9.22
CA ALA A 356 7.81 14.77 8.51
C ALA A 356 9.16 15.00 9.20
N ILE A 357 9.27 14.71 10.49
CA ILE A 357 10.55 14.97 11.18
C ILE A 357 11.72 14.05 10.77
N PRO A 358 11.65 12.70 10.87
CA PRO A 358 12.87 11.92 10.58
C PRO A 358 13.21 11.84 9.10
N THR A 359 12.26 12.17 8.22
CA THR A 359 12.60 12.37 6.81
C THR A 359 13.57 13.55 6.65
N GLY A 360 13.37 14.61 7.44
CA GLY A 360 14.33 15.68 7.47
C GLY A 360 15.66 15.26 8.02
N VAL A 361 15.65 14.35 9.00
CA VAL A 361 16.91 13.78 9.49
C VAL A 361 17.64 13.03 8.36
N LYS A 362 16.91 12.25 7.56
CA LYS A 362 17.45 11.59 6.38
C LYS A 362 18.10 12.60 5.41
N ILE A 363 17.35 13.65 5.10
CA ILE A 363 17.78 14.63 4.11
C ILE A 363 19.05 15.32 4.55
N PHE A 364 19.08 15.79 5.79
CA PHE A 364 20.27 16.51 6.25
C PHE A 364 21.44 15.58 6.47
N ASN A 365 21.20 14.29 6.74
CA ASN A 365 22.30 13.34 6.76
C ASN A 365 22.92 13.16 5.38
N TRP A 366 22.08 13.13 4.33
CA TRP A 366 22.63 13.04 2.97
C TRP A 366 23.37 14.30 2.57
N LEU A 367 22.88 15.47 3.02
CA LEU A 367 23.63 16.71 2.80
C LEU A 367 24.99 16.67 3.48
N PHE A 368 25.05 16.27 4.74
CA PHE A 368 26.33 16.34 5.42
C PHE A 368 27.25 15.17 5.09
N THR A 369 26.75 14.14 4.42
CA THR A 369 27.65 13.19 3.77
C THR A 369 28.43 13.86 2.66
N MET A 370 27.76 14.74 1.91
CA MET A 370 28.36 15.52 0.85
C MET A 370 29.14 16.73 1.34
N TYR A 371 29.12 17.01 2.66
CA TYR A 371 29.76 18.21 3.20
C TYR A 371 31.27 18.19 3.04
N GLN A 372 31.89 17.03 2.96
CA GLN A 372 33.22 16.96 2.39
C GLN A 372 33.17 15.95 1.27
N GLY A 373 34.32 15.60 0.70
CA GLY A 373 34.30 14.53 -0.26
C GLY A 373 34.53 14.95 -1.68
N ARG A 374 35.32 14.16 -2.40
CA ARG A 374 35.51 14.36 -3.83
C ARG A 374 34.27 13.83 -4.52
N ILE A 375 33.32 14.71 -4.80
CA ILE A 375 32.06 14.30 -5.39
C ILE A 375 32.24 14.27 -6.90
N VAL A 376 32.20 13.06 -7.47
CA VAL A 376 32.22 12.89 -8.91
C VAL A 376 30.78 12.88 -9.42
N PHE A 377 30.53 13.65 -10.48
CA PHE A 377 29.16 13.82 -10.97
C PHE A 377 28.83 12.71 -11.94
N HIS A 378 28.59 11.53 -11.37
CA HIS A 378 28.04 10.41 -12.10
C HIS A 378 26.57 10.66 -12.40
N SER A 379 25.98 9.79 -13.21
CA SER A 379 24.56 9.87 -13.49
C SER A 379 23.73 9.64 -12.23
N ALA A 380 24.12 8.63 -11.44
CA ALA A 380 23.40 8.31 -10.21
C ALA A 380 23.57 9.42 -9.18
N MET A 381 24.72 10.09 -9.18
CA MET A 381 24.91 11.24 -8.32
C MET A 381 23.97 12.38 -8.69
N LEU A 382 23.82 12.65 -9.99
CA LEU A 382 22.90 13.70 -10.43
C LEU A 382 21.47 13.35 -10.07
N TRP A 383 21.10 12.07 -10.18
CA TRP A 383 19.81 11.60 -9.69
C TRP A 383 19.65 11.86 -8.20
N THR A 384 20.73 11.72 -7.42
CA THR A 384 20.64 11.93 -5.98
C THR A 384 20.40 13.40 -5.61
N ILE A 385 21.18 14.33 -6.18
CA ILE A 385 20.94 15.76 -5.91
C ILE A 385 19.57 16.21 -6.42
N GLY A 386 19.19 15.76 -7.62
CA GLY A 386 17.87 16.09 -8.14
C GLY A 386 16.74 15.54 -7.27
N PHE A 387 16.97 14.38 -6.66
CA PHE A 387 16.05 13.83 -5.68
C PHE A 387 15.95 14.71 -4.45
N ILE A 388 17.09 15.18 -3.93
CA ILE A 388 17.06 15.98 -2.71
C ILE A 388 16.27 17.27 -2.92
N VAL A 389 16.51 17.94 -4.04
CA VAL A 389 15.78 19.18 -4.34
C VAL A 389 14.28 18.90 -4.55
N THR A 390 13.99 17.91 -5.42
CA THR A 390 12.62 17.61 -5.79
C THR A 390 11.81 17.09 -4.62
N PHE A 391 12.39 16.18 -3.85
CA PHE A 391 11.71 15.59 -2.73
C PHE A 391 11.53 16.57 -1.58
N SER A 392 12.45 17.55 -1.43
CA SER A 392 12.22 18.60 -0.46
C SER A 392 10.99 19.43 -0.82
N VAL A 393 10.86 19.76 -2.11
CA VAL A 393 9.70 20.51 -2.58
C VAL A 393 8.42 19.71 -2.38
N GLY A 394 8.44 18.43 -2.75
CA GLY A 394 7.25 17.61 -2.60
C GLY A 394 6.88 17.37 -1.14
N GLY A 395 7.88 17.20 -0.29
CA GLY A 395 7.61 17.00 1.11
C GLY A 395 7.01 18.21 1.79
N MET A 396 7.50 19.42 1.44
CA MET A 396 6.88 20.59 2.03
C MET A 396 5.46 20.81 1.51
N THR A 397 5.17 20.41 0.27
CA THR A 397 3.80 20.52 -0.19
C THR A 397 2.89 19.50 0.50
N GLY A 398 3.43 18.33 0.85
CA GLY A 398 2.62 17.37 1.59
C GLY A 398 2.40 17.72 3.04
N VAL A 399 3.38 18.38 3.66
CA VAL A 399 3.16 18.85 5.02
C VAL A 399 2.17 20.02 5.01
N LEU A 400 2.15 20.79 3.92
CA LEU A 400 1.05 21.74 3.74
C LEU A 400 -0.28 21.02 3.59
N LEU A 401 -0.31 19.89 2.88
CA LEU A 401 -1.53 19.10 2.78
C LEU A 401 -1.91 18.46 4.11
N ALA A 402 -0.95 18.28 5.02
CA ALA A 402 -1.21 17.60 6.28
C ALA A 402 -2.05 18.42 7.25
N VAL A 403 -2.09 19.73 7.08
CA VAL A 403 -2.95 20.58 7.90
C VAL A 403 -4.39 20.39 7.45
N PRO A 404 -5.31 20.03 8.36
CA PRO A 404 -6.71 19.85 7.94
C PRO A 404 -7.37 21.11 7.41
N GLY A 405 -7.03 22.28 7.94
CA GLY A 405 -7.58 23.51 7.40
C GLY A 405 -7.11 23.77 5.98
N ALA A 406 -5.84 23.46 5.70
CA ALA A 406 -5.33 23.59 4.35
C ALA A 406 -5.87 22.49 3.45
N ASP A 407 -6.11 21.31 4.01
CA ASP A 407 -6.59 20.20 3.21
C ASP A 407 -8.04 20.37 2.83
N PHE A 408 -8.81 21.15 3.58
CA PHE A 408 -10.22 21.35 3.28
C PHE A 408 -10.44 22.11 1.97
N VAL A 409 -9.42 22.81 1.48
CA VAL A 409 -9.50 23.45 0.17
C VAL A 409 -8.60 22.76 -0.85
N LEU A 410 -7.63 21.97 -0.42
CA LEU A 410 -6.68 21.35 -1.33
C LEU A 410 -6.90 19.87 -1.57
N HIS A 411 -7.86 19.25 -0.88
CA HIS A 411 -8.13 17.84 -1.10
C HIS A 411 -8.70 17.62 -2.50
N ASN A 412 -8.17 16.60 -3.17
CA ASN A 412 -8.59 16.12 -4.49
C ASN A 412 -8.46 17.17 -5.58
N SER A 413 -7.67 18.21 -5.34
CA SER A 413 -7.35 19.17 -6.36
C SER A 413 -6.11 18.71 -7.10
N LEU A 414 -5.63 19.51 -8.04
CA LEU A 414 -4.37 19.18 -8.66
C LEU A 414 -3.17 19.55 -7.80
N PHE A 415 -3.39 20.25 -6.69
CA PHE A 415 -2.32 20.41 -5.71
C PHE A 415 -1.92 19.07 -5.10
N LEU A 416 -2.91 18.24 -4.76
CA LEU A 416 -2.64 16.91 -4.24
C LEU A 416 -2.01 16.02 -5.29
N ILE A 417 -2.50 16.15 -6.53
CA ILE A 417 -1.95 15.46 -7.69
C ILE A 417 -0.47 15.81 -7.86
N ALA A 418 -0.17 17.11 -7.78
CA ALA A 418 1.20 17.58 -7.95
C ALA A 418 2.09 17.21 -6.78
N HIS A 419 1.54 17.20 -5.55
CA HIS A 419 2.20 16.52 -4.43
C HIS A 419 2.64 15.11 -4.71
N PHE A 420 1.70 14.21 -4.97
CA PHE A 420 2.13 12.82 -4.96
C PHE A 420 2.95 12.52 -6.20
N HIS A 421 2.77 13.30 -7.25
CA HIS A 421 3.63 13.17 -8.41
C HIS A 421 5.01 13.70 -8.11
N ASN A 422 5.10 14.75 -7.30
CA ASN A 422 6.37 15.31 -6.87
C ASN A 422 7.17 14.30 -6.08
N VAL A 423 6.57 13.75 -5.03
CA VAL A 423 7.31 12.83 -4.16
C VAL A 423 7.56 11.50 -4.84
N ILE A 424 6.60 10.98 -5.60
CA ILE A 424 6.81 9.69 -6.25
C ILE A 424 7.84 9.82 -7.37
N ILE A 425 7.69 10.82 -8.26
CA ILE A 425 8.62 10.94 -9.38
C ILE A 425 10.02 11.23 -8.86
N GLY A 426 10.17 12.29 -8.03
CA GLY A 426 11.43 12.61 -7.40
C GLY A 426 12.01 11.49 -6.59
N GLY A 427 11.43 11.17 -5.43
CA GLY A 427 11.90 10.08 -4.61
C GLY A 427 11.93 8.75 -5.33
N VAL A 428 10.78 8.16 -5.65
CA VAL A 428 10.74 6.78 -6.10
C VAL A 428 11.39 6.65 -7.48
N VAL A 429 11.00 7.49 -8.45
CA VAL A 429 11.46 7.26 -9.81
C VAL A 429 12.91 7.70 -9.97
N PHE A 430 13.34 8.77 -9.28
CA PHE A 430 14.75 9.13 -9.32
C PHE A 430 15.59 8.06 -8.64
N GLY A 431 15.05 7.45 -7.58
CA GLY A 431 15.71 6.33 -6.95
C GLY A 431 15.74 5.11 -7.82
N CYS A 432 14.70 4.93 -8.65
CA CYS A 432 14.70 3.86 -9.62
C CYS A 432 15.84 4.00 -10.60
N PHE A 433 15.97 5.17 -11.19
CA PHE A 433 16.96 5.33 -12.25
C PHE A 433 18.36 5.42 -11.66
N ALA A 434 18.46 5.96 -10.44
CA ALA A 434 19.73 5.96 -9.71
C ALA A 434 20.19 4.56 -9.38
N GLY A 435 19.29 3.72 -8.85
CA GLY A 435 19.68 2.36 -8.51
C GLY A 435 19.97 1.51 -9.72
N MET A 436 19.23 1.73 -10.82
CA MET A 436 19.49 0.99 -12.04
C MET A 436 20.84 1.36 -12.62
N THR A 437 21.17 2.65 -12.64
CA THR A 437 22.49 3.09 -13.10
C THR A 437 23.60 2.59 -12.17
N TYR A 438 23.34 2.59 -10.87
CA TYR A 438 24.33 2.20 -9.89
C TYR A 438 24.66 0.72 -9.97
N TRP A 439 23.65 -0.12 -10.16
CA TRP A 439 23.85 -1.56 -10.08
C TRP A 439 23.73 -2.27 -11.41
N TRP A 440 23.68 -1.53 -12.52
CA TRP A 440 23.78 -2.15 -13.84
C TRP A 440 25.08 -2.95 -14.07
N PRO A 441 26.29 -2.48 -13.68
CA PRO A 441 27.45 -3.37 -13.84
C PRO A 441 27.39 -4.60 -12.96
N LYS A 442 26.79 -4.48 -11.77
CA LYS A 442 26.63 -5.66 -10.94
C LYS A 442 25.55 -6.56 -11.50
N ALA A 443 24.63 -6.02 -12.28
CA ALA A 443 23.64 -6.88 -12.92
C ALA A 443 24.20 -7.60 -14.12
N PHE A 444 25.05 -6.94 -14.91
CA PHE A 444 25.40 -7.45 -16.23
C PHE A 444 26.89 -7.51 -16.54
N GLY A 445 27.73 -6.75 -15.84
CA GLY A 445 29.15 -6.80 -16.12
C GLY A 445 29.69 -5.65 -16.91
N PHE A 446 28.86 -4.70 -17.30
CA PHE A 446 29.32 -3.53 -18.04
C PHE A 446 28.52 -2.32 -17.57
N LYS A 447 29.09 -1.15 -17.78
CA LYS A 447 28.47 0.08 -17.33
C LYS A 447 27.48 0.61 -18.36
N LEU A 448 26.52 1.39 -17.89
CA LEU A 448 25.63 2.12 -18.78
C LEU A 448 26.37 3.31 -19.38
N ASN A 449 25.89 3.76 -20.53
CA ASN A 449 26.51 4.93 -21.17
C ASN A 449 26.19 6.17 -20.36
N GLU A 450 27.21 6.99 -20.13
CA GLU A 450 27.09 8.04 -19.13
C GLU A 450 26.31 9.23 -19.66
N THR A 451 26.66 9.70 -20.86
CA THR A 451 26.14 10.97 -21.37
C THR A 451 24.65 10.89 -21.67
N TRP A 452 24.19 9.76 -22.20
CA TRP A 452 22.76 9.56 -22.39
C TRP A 452 22.02 9.49 -21.07
N GLY A 453 22.67 8.97 -20.02
CA GLY A 453 22.08 9.00 -18.69
C GLY A 453 21.94 10.41 -18.15
N LYS A 454 22.95 11.25 -18.40
CA LYS A 454 22.85 12.66 -18.01
C LYS A 454 21.72 13.36 -18.75
N ARG A 455 21.60 13.10 -20.06
CA ARG A 455 20.54 13.70 -20.85
C ARG A 455 19.17 13.26 -20.36
N ALA A 456 19.02 11.97 -20.04
CA ALA A 456 17.78 11.44 -19.51
C ALA A 456 17.43 12.08 -18.17
N PHE A 457 18.43 12.27 -17.30
CA PHE A 457 18.20 12.93 -16.02
C PHE A 457 17.73 14.36 -16.19
N TRP A 458 18.36 15.11 -17.10
CA TRP A 458 18.02 16.52 -17.25
C TRP A 458 16.63 16.69 -17.84
N PHE A 459 16.29 15.86 -18.84
CA PHE A 459 14.92 15.87 -19.35
C PHE A 459 13.91 15.48 -18.27
N TRP A 460 14.26 14.49 -17.43
CA TRP A 460 13.33 14.04 -16.39
C TRP A 460 13.06 15.13 -15.36
N ILE A 461 14.11 15.79 -14.87
CA ILE A 461 13.91 16.77 -13.80
C ILE A 461 13.26 18.05 -14.33
N ILE A 462 13.70 18.53 -15.50
CA ILE A 462 13.15 19.77 -16.05
C ILE A 462 11.72 19.54 -16.52
N GLY A 463 11.46 18.41 -17.18
CA GLY A 463 10.13 18.13 -17.64
C GLY A 463 9.17 17.81 -16.52
N PHE A 464 9.69 17.25 -15.42
CA PHE A 464 8.85 17.08 -14.24
C PHE A 464 8.41 18.43 -13.71
N PHE A 465 9.35 19.37 -13.60
CA PHE A 465 9.01 20.67 -13.03
C PHE A 465 8.03 21.43 -13.92
N VAL A 466 8.27 21.42 -15.23
CA VAL A 466 7.36 22.05 -16.18
C VAL A 466 6.01 21.33 -16.21
N ALA A 467 6.00 20.03 -15.95
CA ALA A 467 4.76 19.28 -15.93
C ALA A 467 3.94 19.48 -14.66
N PHE A 468 4.56 19.77 -13.52
CA PHE A 468 3.81 19.68 -12.28
C PHE A 468 3.82 20.91 -11.38
N MET A 469 4.66 21.92 -11.63
CA MET A 469 4.39 23.22 -11.03
C MET A 469 3.08 23.85 -11.49
N PRO A 470 2.66 23.80 -12.78
CA PRO A 470 1.31 24.26 -13.11
C PRO A 470 0.20 23.50 -12.43
N LEU A 471 0.40 22.26 -12.00
CA LEU A 471 -0.66 21.60 -11.28
C LEU A 471 -0.78 22.11 -9.84
N TYR A 472 0.33 22.55 -9.24
CA TYR A 472 0.26 23.29 -7.98
C TYR A 472 -0.53 24.57 -8.15
N ALA A 473 -0.20 25.33 -9.21
CA ALA A 473 -0.93 26.56 -9.50
C ALA A 473 -2.40 26.29 -9.77
N LEU A 474 -2.69 25.21 -10.48
CA LEU A 474 -4.05 24.84 -10.84
C LEU A 474 -4.86 24.41 -9.63
N GLY A 475 -4.22 23.70 -8.70
CA GLY A 475 -4.90 23.36 -7.46
C GLY A 475 -5.22 24.58 -6.63
N PHE A 476 -4.33 25.57 -6.65
CA PHE A 476 -4.67 26.84 -6.01
C PHE A 476 -5.77 27.58 -6.76
N MET A 477 -5.89 27.37 -8.07
CA MET A 477 -6.97 27.98 -8.84
C MET A 477 -8.29 27.24 -8.70
N GLY A 478 -8.32 26.12 -8.02
CA GLY A 478 -9.55 25.41 -7.77
C GLY A 478 -9.90 24.33 -8.76
N MET A 479 -8.93 23.80 -9.51
CA MET A 479 -9.21 22.70 -10.42
C MET A 479 -8.97 21.37 -9.72
N THR A 480 -9.96 20.50 -9.78
CA THR A 480 -9.94 19.24 -9.07
C THR A 480 -9.44 18.13 -9.99
N ARG A 481 -9.12 16.99 -9.39
CA ARG A 481 -8.61 15.87 -10.14
C ARG A 481 -9.71 15.22 -10.97
N ARG A 482 -9.29 14.42 -11.94
CA ARG A 482 -10.14 13.54 -12.76
C ARG A 482 -11.18 14.31 -13.57
N LEU A 483 -10.85 15.56 -13.92
CA LEU A 483 -11.68 16.34 -14.84
C LEU A 483 -11.33 15.96 -16.26
N SER A 484 -12.34 15.81 -17.08
CA SER A 484 -12.10 15.33 -18.43
C SER A 484 -12.72 16.19 -19.52
N GLN A 485 -13.91 16.72 -19.28
CA GLN A 485 -14.70 17.30 -20.36
C GLN A 485 -15.14 18.71 -19.99
N GLN A 486 -15.14 19.58 -21.01
CA GLN A 486 -15.59 20.96 -20.94
C GLN A 486 -14.93 21.73 -19.79
N ILE A 487 -13.62 21.56 -19.69
CA ILE A 487 -12.85 22.19 -18.63
C ILE A 487 -12.87 23.70 -18.80
N ASP A 488 -12.94 24.41 -17.67
CA ASP A 488 -13.10 25.85 -17.68
C ASP A 488 -11.88 26.53 -18.30
N PRO A 489 -12.07 27.58 -19.11
CA PRO A 489 -10.94 28.13 -19.89
C PRO A 489 -9.85 28.79 -19.09
N GLN A 490 -10.14 29.27 -17.87
CA GLN A 490 -9.11 29.91 -17.04
C GLN A 490 -8.00 28.96 -16.65
N PHE A 491 -8.28 27.65 -16.65
CA PHE A 491 -7.27 26.66 -16.38
C PHE A 491 -6.29 26.49 -17.54
N HIS A 492 -6.74 26.82 -18.77
CA HIS A 492 -6.21 26.27 -20.01
C HIS A 492 -4.72 26.42 -20.18
N THR A 493 -4.22 27.64 -19.98
CA THR A 493 -2.82 27.95 -20.23
C THR A 493 -1.90 27.16 -19.32
N MET A 494 -2.29 27.03 -18.05
CA MET A 494 -1.51 26.20 -17.11
C MET A 494 -1.48 24.76 -17.57
N LEU A 495 -2.63 24.25 -18.02
CA LEU A 495 -2.71 22.91 -18.57
C LEU A 495 -1.82 22.76 -19.79
N MET A 496 -1.80 23.81 -20.62
CA MET A 496 -0.95 23.82 -21.82
C MET A 496 0.51 23.70 -21.44
N ILE A 497 0.91 24.42 -20.37
CA ILE A 497 2.29 24.37 -19.92
C ILE A 497 2.61 22.98 -19.40
N ALA A 498 1.65 22.38 -18.68
CA ALA A 498 1.82 21.04 -18.16
C ALA A 498 1.94 20.04 -19.29
N ALA A 499 1.25 20.30 -20.41
CA ALA A 499 1.33 19.45 -21.59
C ALA A 499 2.75 19.41 -22.11
N SER A 500 3.38 20.59 -22.18
CA SER A 500 4.75 20.69 -22.64
C SER A 500 5.68 19.93 -21.73
N GLY A 501 5.41 19.99 -20.41
CA GLY A 501 6.25 19.29 -19.45
C GLY A 501 6.21 17.79 -19.65
N ALA A 502 5.02 17.27 -19.99
CA ALA A 502 4.87 15.84 -20.23
C ALA A 502 5.71 15.42 -21.44
N VAL A 503 5.73 16.29 -22.46
CA VAL A 503 6.51 16.05 -23.67
C VAL A 503 7.98 15.91 -23.31
N LEU A 504 8.48 16.76 -22.42
CA LEU A 504 9.88 16.74 -22.07
C LEU A 504 10.24 15.44 -21.36
N ILE A 505 9.32 14.95 -20.54
CA ILE A 505 9.58 13.70 -19.82
C ILE A 505 9.61 12.54 -20.81
N ALA A 506 8.80 12.65 -21.87
CA ALA A 506 8.81 11.68 -22.96
C ALA A 506 10.19 11.55 -23.55
N LEU A 507 10.85 12.70 -23.76
CA LEU A 507 12.19 12.71 -24.32
C LEU A 507 13.16 11.99 -23.41
N GLY A 508 13.02 12.21 -22.09
CA GLY A 508 13.88 11.54 -21.13
C GLY A 508 13.68 10.04 -21.14
N ILE A 509 12.42 9.61 -21.28
CA ILE A 509 12.13 8.19 -21.35
C ILE A 509 12.69 7.63 -22.65
N LEU A 510 12.58 8.42 -23.72
CA LEU A 510 13.21 8.07 -24.98
C LEU A 510 14.72 7.98 -24.81
N CYS A 511 15.29 8.94 -24.08
CA CYS A 511 16.73 8.93 -23.80
C CYS A 511 17.11 7.69 -23.02
N LEU A 512 16.26 7.28 -22.07
CA LEU A 512 16.51 6.10 -21.27
C LEU A 512 16.61 4.86 -22.15
N VAL A 513 15.66 4.76 -23.09
CA VAL A 513 15.64 3.62 -24.00
C VAL A 513 16.87 3.64 -24.87
N ILE A 514 17.24 4.84 -25.32
CA ILE A 514 18.41 5.02 -26.18
C ILE A 514 19.66 4.62 -25.43
N GLN A 515 19.71 5.02 -24.14
CA GLN A 515 20.85 4.73 -23.28
C GLN A 515 21.05 3.23 -23.17
N MET A 516 19.94 2.51 -22.96
CA MET A 516 20.00 1.07 -22.80
C MET A 516 20.50 0.41 -24.08
N TYR A 517 19.98 0.88 -25.22
CA TYR A 517 20.37 0.31 -26.51
C TYR A 517 21.84 0.55 -26.77
N VAL A 518 22.31 1.77 -26.45
CA VAL A 518 23.71 2.10 -26.68
C VAL A 518 24.58 1.26 -25.77
N SER A 519 24.12 1.06 -24.54
CA SER A 519 24.85 0.28 -23.57
C SER A 519 24.92 -1.18 -23.96
N ILE A 520 23.97 -1.66 -24.75
CA ILE A 520 24.06 -3.05 -25.18
C ILE A 520 24.92 -3.18 -26.43
N ARG A 521 24.94 -2.17 -27.30
CA ARG A 521 25.74 -2.37 -28.51
C ARG A 521 27.22 -2.12 -28.27
N ASP A 522 27.57 -1.57 -27.12
CA ASP A 522 28.95 -1.27 -26.75
C ASP A 522 29.33 -1.99 -25.47
N ARG A 523 28.98 -3.27 -25.37
CA ARG A 523 29.29 -4.06 -24.19
C ARG A 523 30.79 -4.22 -23.98
N ASP A 524 31.52 -4.48 -25.06
CA ASP A 524 32.91 -4.91 -24.94
C ASP A 524 33.84 -3.75 -24.61
N GLN A 525 33.47 -2.54 -24.99
CA GLN A 525 34.29 -1.37 -24.73
C GLN A 525 33.95 -0.69 -23.42
N ASN A 526 33.04 -1.25 -22.63
CA ASN A 526 32.62 -0.58 -21.40
C ASN A 526 32.47 -1.51 -20.22
N ARG A 527 33.01 -2.73 -20.28
CA ARG A 527 32.91 -3.61 -19.14
C ARG A 527 33.95 -3.20 -18.10
N ASP A 528 33.74 -3.64 -16.86
CA ASP A 528 34.58 -3.16 -15.77
C ASP A 528 35.66 -4.16 -15.33
N LEU A 529 35.41 -5.46 -15.52
CA LEU A 529 36.35 -6.57 -15.37
C LEU A 529 36.71 -6.87 -13.92
N THR A 530 36.32 -6.00 -13.00
CA THR A 530 36.35 -6.27 -11.58
C THR A 530 34.93 -6.11 -11.09
N GLY A 531 34.72 -6.36 -9.81
CA GLY A 531 33.40 -6.13 -9.29
C GLY A 531 33.23 -4.75 -8.69
N ASP A 532 34.19 -3.86 -8.91
CA ASP A 532 34.27 -2.60 -8.19
C ASP A 532 34.50 -1.44 -9.15
N PRO A 533 33.48 -1.03 -9.91
CA PRO A 533 33.70 0.02 -10.92
C PRO A 533 33.75 1.43 -10.37
N TRP A 534 32.97 1.75 -9.34
CA TRP A 534 32.88 3.11 -8.84
C TRP A 534 33.72 3.34 -7.59
N GLY A 535 34.51 2.37 -7.20
CA GLY A 535 34.80 2.27 -5.79
C GLY A 535 33.59 1.62 -5.15
N GLY A 536 33.56 1.63 -3.84
CA GLY A 536 32.42 1.00 -3.20
C GLY A 536 32.77 0.50 -1.83
N ARG A 537 31.75 0.50 -0.98
CA ARG A 537 31.94 0.28 0.44
C ARG A 537 31.26 -0.94 1.00
N THR A 538 30.22 -1.45 0.35
CA THR A 538 29.52 -2.62 0.85
C THR A 538 29.87 -3.83 0.00
N LEU A 539 29.78 -4.99 0.62
CA LEU A 539 30.41 -6.19 0.09
C LEU A 539 29.69 -6.82 -1.07
N GLU A 540 28.73 -6.18 -1.73
CA GLU A 540 28.31 -6.66 -3.04
C GLU A 540 29.31 -6.30 -4.12
N TRP A 541 30.18 -5.33 -3.88
CA TRP A 541 31.23 -4.98 -4.84
C TRP A 541 32.48 -5.81 -4.64
N ALA A 542 32.42 -6.75 -3.70
CA ALA A 542 33.56 -7.64 -3.46
C ALA A 542 33.43 -8.85 -4.37
N THR A 543 32.36 -8.90 -5.15
CA THR A 543 32.14 -10.07 -6.03
C THR A 543 32.61 -9.71 -7.42
N SER A 544 32.31 -10.54 -8.40
CA SER A 544 32.64 -10.16 -9.76
C SER A 544 31.43 -9.49 -10.41
N SER A 545 31.60 -9.03 -11.64
CA SER A 545 30.51 -8.40 -12.37
C SER A 545 30.29 -9.12 -13.70
N PRO A 546 29.22 -9.90 -13.85
CA PRO A 546 28.15 -10.30 -12.94
C PRO A 546 28.66 -11.21 -11.83
N PRO A 547 27.92 -11.34 -10.73
CA PRO A 547 28.31 -12.30 -9.71
C PRO A 547 28.24 -13.70 -10.25
N PRO A 548 29.01 -14.62 -9.69
CA PRO A 548 28.73 -16.04 -9.90
C PRO A 548 27.34 -16.35 -9.37
N PHE A 549 26.69 -17.33 -10.00
CA PHE A 549 25.34 -17.73 -9.65
C PHE A 549 25.20 -18.21 -8.22
N TYR A 550 26.30 -18.63 -7.60
CA TYR A 550 26.34 -19.05 -6.21
C TYR A 550 26.72 -17.97 -5.21
N ASN A 551 27.17 -16.79 -5.66
CA ASN A 551 27.23 -15.59 -4.81
C ASN A 551 28.09 -15.70 -3.56
N PHE A 552 29.42 -15.49 -3.66
CA PHE A 552 30.44 -15.74 -2.62
C PHE A 552 30.63 -17.20 -2.30
N ALA A 553 31.42 -17.89 -3.14
CA ALA A 553 32.04 -19.19 -2.84
C ALA A 553 32.45 -19.38 -1.39
N VAL A 554 33.14 -18.39 -0.81
CA VAL A 554 33.39 -18.35 0.61
C VAL A 554 32.57 -17.21 1.18
N VAL A 555 31.73 -17.53 2.15
CA VAL A 555 30.92 -16.50 2.82
C VAL A 555 31.84 -15.59 3.62
N PRO A 556 31.79 -14.27 3.43
CA PRO A 556 32.74 -13.38 4.10
C PRO A 556 32.49 -13.29 5.59
N HIS A 557 33.53 -12.88 6.30
CA HIS A 557 33.45 -12.55 7.72
C HIS A 557 33.68 -11.04 7.81
N VAL A 558 32.87 -10.36 8.61
CA VAL A 558 32.61 -8.95 8.35
C VAL A 558 33.46 -8.01 9.20
N HIS A 559 33.41 -8.16 10.53
CA HIS A 559 34.15 -7.42 11.56
C HIS A 559 33.79 -5.94 11.69
N GLU A 560 33.05 -5.35 10.75
CA GLU A 560 32.96 -3.89 10.67
C GLU A 560 31.91 -3.42 9.67
N ARG A 561 31.23 -2.32 9.99
CA ARG A 561 30.40 -1.60 9.04
C ARG A 561 31.21 -1.19 7.81
N ASP A 562 30.57 -1.30 6.64
CA ASP A 562 31.18 -1.09 5.32
C ASP A 562 32.38 -2.01 5.12
N ALA A 563 32.07 -3.31 5.04
CA ALA A 563 33.09 -4.35 5.13
C ALA A 563 34.03 -4.33 3.92
N PHE A 564 33.50 -4.07 2.73
CA PHE A 564 34.35 -4.06 1.55
C PHE A 564 35.30 -2.88 1.56
N TRP A 565 34.87 -1.74 2.08
CA TRP A 565 35.75 -0.59 2.18
C TRP A 565 36.88 -0.84 3.17
N GLU A 566 36.58 -1.49 4.28
CA GLU A 566 37.64 -1.76 5.24
C GLU A 566 38.45 -3.00 4.90
N MET A 567 38.06 -3.77 3.89
CA MET A 567 38.99 -4.72 3.29
C MET A 567 39.82 -4.09 2.19
N LYS A 568 39.34 -3.03 1.55
CA LYS A 568 40.17 -2.33 0.59
C LYS A 568 41.10 -1.33 1.24
N GLU A 569 40.83 -0.93 2.48
CA GLU A 569 41.69 0.04 3.16
C GLU A 569 42.96 -0.64 3.67
N LYS A 570 42.81 -1.58 4.58
CA LYS A 570 43.90 -2.47 4.94
C LYS A 570 43.81 -3.70 4.06
N GLY A 571 44.89 -4.01 3.37
CA GLY A 571 44.79 -4.81 2.16
C GLY A 571 44.61 -6.29 2.31
N GLU A 572 43.39 -6.73 2.64
CA GLU A 572 43.02 -8.13 2.54
C GLU A 572 41.79 -8.32 1.66
N ALA A 573 41.54 -7.37 0.76
CA ALA A 573 40.58 -7.60 -0.31
C ALA A 573 41.27 -8.38 -1.42
N TYR A 574 40.45 -9.12 -2.18
CA TYR A 574 40.91 -10.00 -3.26
C TYR A 574 41.92 -11.02 -2.75
N LYS A 575 41.46 -11.86 -1.84
CA LYS A 575 42.28 -12.89 -1.22
C LYS A 575 41.80 -14.24 -1.70
N LYS A 576 42.71 -15.04 -2.25
CA LYS A 576 42.33 -16.35 -2.77
C LYS A 576 42.52 -17.40 -1.69
N PRO A 577 41.46 -18.03 -1.20
CA PRO A 577 41.62 -19.11 -0.24
C PRO A 577 42.09 -20.40 -0.92
N ASP A 578 42.60 -21.30 -0.11
CA ASP A 578 43.23 -22.51 -0.65
C ASP A 578 42.20 -23.50 -1.16
N HIS A 579 41.12 -23.72 -0.43
CA HIS A 579 40.18 -24.78 -0.76
C HIS A 579 38.75 -24.28 -0.68
N TYR A 580 37.91 -24.85 -1.53
CA TYR A 580 36.49 -24.55 -1.58
C TYR A 580 35.71 -25.79 -1.17
N GLU A 581 34.82 -25.64 -0.20
CA GLU A 581 33.93 -26.73 0.12
C GLU A 581 32.74 -26.73 -0.83
N GLU A 582 31.91 -27.75 -0.72
CA GLU A 582 30.74 -27.87 -1.59
C GLU A 582 29.70 -26.82 -1.21
N ILE A 583 28.93 -26.37 -2.20
CA ILE A 583 27.95 -25.32 -2.02
C ILE A 583 26.57 -25.89 -2.31
N HIS A 584 25.68 -25.78 -1.32
CA HIS A 584 24.31 -26.25 -1.45
C HIS A 584 23.48 -25.22 -2.22
N MET A 585 22.61 -25.69 -3.09
CA MET A 585 21.90 -24.78 -3.99
C MET A 585 20.60 -25.42 -4.44
N PRO A 586 19.49 -24.67 -4.42
CA PRO A 586 18.23 -25.20 -4.95
C PRO A 586 18.21 -25.21 -6.47
N LYS A 587 17.26 -25.96 -7.00
CA LYS A 587 17.13 -26.18 -8.43
C LYS A 587 16.05 -25.29 -9.01
N ASN A 588 16.14 -25.07 -10.32
CA ASN A 588 15.09 -24.34 -11.02
C ASN A 588 13.82 -25.17 -11.08
N SER A 589 12.70 -24.53 -10.80
CA SER A 589 11.41 -25.20 -10.80
C SER A 589 10.46 -24.46 -11.71
N GLY A 590 9.71 -25.20 -12.51
CA GLY A 590 8.65 -24.58 -13.27
C GLY A 590 7.34 -24.47 -12.56
N ALA A 591 7.29 -24.85 -11.29
CA ALA A 591 6.01 -24.96 -10.59
C ALA A 591 5.44 -23.58 -10.23
N GLY A 592 6.29 -22.57 -10.13
CA GLY A 592 5.78 -21.22 -9.95
C GLY A 592 5.02 -20.73 -11.16
N ILE A 593 5.48 -21.11 -12.35
CA ILE A 593 4.82 -20.73 -13.59
C ILE A 593 3.47 -21.42 -13.70
N VAL A 594 3.39 -22.68 -13.27
CA VAL A 594 2.14 -23.44 -13.37
C VAL A 594 1.11 -22.92 -12.40
N ILE A 595 1.51 -22.59 -11.17
CA ILE A 595 0.62 -22.00 -10.19
C ILE A 595 0.16 -20.63 -10.67
N ALA A 596 1.05 -19.88 -11.32
CA ALA A 596 0.68 -18.60 -11.89
C ALA A 596 -0.33 -18.74 -13.03
N ALA A 597 -0.12 -19.73 -13.90
CA ALA A 597 -1.02 -19.92 -15.03
C ALA A 597 -2.39 -20.37 -14.56
N PHE A 598 -2.42 -21.19 -13.50
CA PHE A 598 -3.69 -21.58 -12.92
C PHE A 598 -4.37 -20.40 -12.24
N SER A 599 -3.59 -19.47 -11.67
CA SER A 599 -4.19 -18.28 -11.09
C SER A 599 -4.73 -17.36 -12.17
N THR A 600 -4.07 -17.32 -13.33
CA THR A 600 -4.56 -16.58 -14.48
C THR A 600 -5.90 -17.15 -14.94
N ILE A 601 -5.98 -18.47 -15.02
CA ILE A 601 -7.21 -19.17 -15.41
C ILE A 601 -8.32 -18.88 -14.41
N PHE A 602 -7.99 -18.98 -13.12
CA PHE A 602 -8.96 -18.76 -12.06
C PHE A 602 -9.46 -17.32 -12.03
N GLY A 603 -8.55 -16.36 -12.20
CA GLY A 603 -8.94 -14.97 -12.20
C GLY A 603 -9.81 -14.59 -13.38
N PHE A 604 -9.46 -15.10 -14.57
CA PHE A 604 -10.27 -14.83 -15.75
C PHE A 604 -11.65 -15.44 -15.65
N ALA A 605 -11.72 -16.68 -15.14
CA ALA A 605 -13.02 -17.34 -14.99
C ALA A 605 -13.84 -16.70 -13.88
N MET A 606 -13.17 -16.11 -12.90
CA MET A 606 -13.89 -15.42 -11.85
C MET A 606 -14.40 -14.08 -12.33
N ILE A 607 -13.66 -13.42 -13.22
CA ILE A 607 -14.13 -12.17 -13.81
C ILE A 607 -15.32 -12.41 -14.73
N TRP A 608 -15.25 -13.43 -15.59
CA TRP A 608 -16.33 -13.64 -16.59
C TRP A 608 -17.43 -14.55 -16.05
N HIS A 609 -17.52 -14.70 -14.73
CA HIS A 609 -18.63 -15.47 -14.11
C HIS A 609 -18.74 -16.89 -14.69
N ILE A 610 -17.60 -17.55 -14.92
CA ILE A 610 -17.63 -18.94 -15.45
C ILE A 610 -17.98 -19.92 -14.32
N TRP A 611 -17.58 -19.62 -13.09
CA TRP A 611 -17.91 -20.46 -11.90
C TRP A 611 -17.15 -21.76 -12.03
N TRP A 612 -17.47 -22.57 -13.03
CA TRP A 612 -16.61 -23.74 -13.31
C TRP A 612 -15.38 -23.09 -13.93
N LEU A 613 -14.29 -23.84 -14.18
CA LEU A 613 -13.03 -23.23 -14.68
C LEU A 613 -12.40 -22.39 -13.55
N ALA A 614 -13.19 -21.56 -12.85
CA ALA A 614 -12.63 -20.89 -11.65
C ALA A 614 -12.32 -22.00 -10.65
N ILE A 615 -13.20 -23.01 -10.57
CA ILE A 615 -12.94 -24.18 -9.69
C ILE A 615 -11.70 -24.90 -10.23
N VAL A 616 -11.65 -25.16 -11.54
CA VAL A 616 -10.50 -25.86 -12.16
C VAL A 616 -9.22 -25.07 -11.90
N GLY A 617 -9.26 -23.76 -12.02
CA GLY A 617 -8.07 -22.97 -11.76
C GLY A 617 -7.63 -23.00 -10.31
N PHE A 618 -8.58 -22.86 -9.39
CA PHE A 618 -8.29 -22.92 -7.96
C PHE A 618 -7.77 -24.29 -7.56
N ALA A 619 -8.38 -25.35 -8.09
CA ALA A 619 -7.91 -26.69 -7.86
C ALA A 619 -6.54 -26.91 -8.48
N GLY A 620 -6.28 -26.28 -9.63
CA GLY A 620 -4.96 -26.39 -10.24
C GLY A 620 -3.88 -25.78 -9.39
N MET A 621 -4.21 -24.68 -8.73
CA MET A 621 -3.25 -24.05 -7.80
C MET A 621 -3.03 -24.97 -6.59
N ILE A 622 -4.08 -25.57 -6.04
CA ILE A 622 -3.94 -26.39 -4.84
C ILE A 622 -3.22 -27.70 -5.13
N ILE A 623 -3.60 -28.38 -6.22
CA ILE A 623 -2.96 -29.64 -6.60
C ILE A 623 -1.52 -29.42 -7.01
N THR A 624 -1.21 -28.33 -7.71
CA THR A 624 0.18 -28.06 -8.07
C THR A 624 1.03 -27.77 -6.83
N TRP A 625 0.43 -27.08 -5.85
CA TRP A 625 1.09 -26.83 -4.56
C TRP A 625 1.39 -28.13 -3.83
N ILE A 626 0.43 -29.05 -3.80
CA ILE A 626 0.61 -30.32 -3.08
C ILE A 626 1.63 -31.21 -3.79
N VAL A 627 1.54 -31.29 -5.11
CA VAL A 627 2.45 -32.12 -5.90
C VAL A 627 3.88 -31.58 -5.80
N LYS A 628 4.03 -30.25 -5.77
CA LYS A 628 5.34 -29.67 -5.52
C LYS A 628 5.83 -29.98 -4.11
N SER A 629 4.91 -30.07 -3.16
CA SER A 629 5.29 -30.47 -1.80
C SER A 629 5.72 -31.92 -1.72
N PHE A 630 5.29 -32.75 -2.66
CA PHE A 630 5.70 -34.15 -2.66
C PHE A 630 7.09 -34.38 -3.24
N ASP A 631 7.70 -33.39 -3.88
CA ASP A 631 8.99 -33.60 -4.54
C ASP A 631 10.13 -33.46 -3.54
N GLU A 632 11.17 -34.25 -3.76
CA GLU A 632 12.26 -34.35 -2.80
C GLU A 632 13.62 -33.88 -3.32
N ASP A 633 13.89 -34.02 -4.62
CA ASP A 633 15.15 -33.53 -5.18
C ASP A 633 14.98 -32.06 -5.54
N VAL A 634 14.95 -31.23 -4.51
CA VAL A 634 14.74 -29.80 -4.67
C VAL A 634 16.04 -29.02 -4.62
N ASP A 635 17.16 -29.70 -4.60
CA ASP A 635 18.44 -29.04 -4.42
C ASP A 635 19.53 -29.87 -5.07
N TYR A 636 20.70 -29.26 -5.22
CA TYR A 636 21.85 -29.90 -5.80
C TYR A 636 23.10 -29.22 -5.30
N TYR A 637 24.24 -29.86 -5.51
CA TYR A 637 25.52 -29.33 -5.12
C TYR A 637 26.31 -28.94 -6.35
N VAL A 638 26.80 -27.71 -6.39
CA VAL A 638 27.75 -27.34 -7.45
C VAL A 638 29.13 -27.87 -7.08
N PRO A 639 29.82 -28.55 -7.99
CA PRO A 639 31.11 -29.14 -7.63
C PRO A 639 32.18 -28.07 -7.47
N VAL A 640 33.24 -28.46 -6.75
CA VAL A 640 34.37 -27.56 -6.48
C VAL A 640 35.09 -27.21 -7.78
N ALA A 641 35.05 -28.11 -8.77
CA ALA A 641 35.73 -27.89 -10.04
C ALA A 641 35.15 -26.69 -10.79
N GLU A 642 33.83 -26.54 -10.77
CA GLU A 642 33.22 -25.38 -11.43
C GLU A 642 33.41 -24.11 -10.61
N ILE A 643 33.56 -24.24 -9.29
CA ILE A 643 33.84 -23.08 -8.44
C ILE A 643 35.26 -22.58 -8.69
N GLU A 644 36.20 -23.50 -8.87
CA GLU A 644 37.60 -23.13 -9.11
C GLU A 644 37.75 -22.39 -10.42
N LYS A 645 37.02 -22.82 -11.46
CA LYS A 645 37.06 -22.17 -12.77
C LYS A 645 36.61 -20.72 -12.70
N LEU A 646 35.44 -20.49 -12.11
CA LEU A 646 34.89 -19.13 -12.04
C LEU A 646 35.74 -18.24 -11.15
N GLU A 647 36.18 -18.78 -10.00
CA GLU A 647 36.87 -17.91 -9.06
C GLU A 647 38.29 -17.63 -9.56
N ASN A 648 38.85 -18.56 -10.34
CA ASN A 648 40.12 -18.32 -11.02
C ASN A 648 39.99 -17.29 -12.12
N GLN A 649 38.89 -17.31 -12.88
CA GLN A 649 38.66 -16.27 -13.89
C GLN A 649 38.57 -14.89 -13.25
N HIS A 650 37.87 -14.82 -12.11
CA HIS A 650 37.77 -13.59 -11.35
C HIS A 650 39.14 -13.09 -10.90
N PHE A 651 39.95 -13.99 -10.32
CA PHE A 651 41.26 -13.54 -9.84
C PHE A 651 42.25 -13.24 -10.96
N ASP A 652 42.10 -13.87 -12.13
CA ASP A 652 42.88 -13.47 -13.29
C ASP A 652 42.57 -12.05 -13.70
N GLU A 653 41.29 -11.69 -13.68
CA GLU A 653 40.94 -10.32 -14.04
C GLU A 653 41.39 -9.32 -12.98
N ILE A 654 41.35 -9.71 -11.70
CA ILE A 654 41.84 -8.84 -10.63
C ILE A 654 43.35 -8.60 -10.74
N THR A 655 44.12 -9.66 -11.00
CA THR A 655 45.56 -9.46 -11.11
C THR A 655 45.95 -8.82 -12.44
N LYS A 656 45.09 -8.89 -13.44
CA LYS A 656 45.33 -8.12 -14.66
C LYS A 656 45.07 -6.64 -14.41
N ALA A 657 44.09 -6.33 -13.57
CA ALA A 657 43.86 -4.93 -13.18
C ALA A 657 45.01 -4.41 -12.32
N GLY A 658 45.53 -5.23 -11.42
CA GLY A 658 46.68 -4.81 -10.64
C GLY A 658 46.50 -4.78 -9.14
N LEU A 659 45.60 -5.62 -8.63
CA LEU A 659 45.35 -5.74 -7.20
C LEU A 659 45.65 -7.17 -6.77
N LYS A 660 46.48 -7.32 -5.74
CA LYS A 660 46.81 -8.66 -5.29
C LYS A 660 46.51 -8.90 -3.81
N ASN A 661 46.72 -7.92 -2.96
CA ASN A 661 46.49 -8.05 -1.52
C ASN A 661 46.09 -6.71 -0.92
N SER B 23 1.63 32.91 -3.06
CA SER B 23 2.03 33.92 -4.05
C SER B 23 1.03 35.05 -4.15
N GLY B 24 1.00 35.70 -5.31
CA GLY B 24 0.14 36.83 -5.54
C GLY B 24 -0.90 36.58 -6.61
N CYS B 25 -1.38 35.35 -6.69
CA CYS B 25 -2.37 34.99 -7.69
C CYS B 25 -3.71 35.61 -7.36
N ASN B 26 -4.53 35.79 -8.40
CA ASN B 26 -5.94 36.10 -8.22
C ASN B 26 -6.80 34.84 -8.20
N SER B 27 -6.22 33.71 -7.81
CA SER B 27 -6.89 32.43 -7.82
C SER B 27 -7.94 32.36 -6.72
N ALA B 28 -8.71 31.27 -6.74
CA ALA B 28 -9.83 31.13 -5.81
C ALA B 28 -9.35 30.92 -4.37
N LEU B 29 -8.12 30.46 -4.19
CA LEU B 29 -7.61 30.21 -2.85
C LEU B 29 -6.69 31.30 -2.35
N LEU B 30 -5.87 31.88 -3.22
CA LEU B 30 -5.04 33.01 -2.83
C LEU B 30 -5.80 34.31 -2.84
N ASP B 31 -6.98 34.37 -3.46
CA ASP B 31 -7.87 35.52 -3.37
C ASP B 31 -9.27 35.02 -3.05
N PRO B 32 -9.51 34.56 -1.82
CA PRO B 32 -10.85 34.09 -1.46
C PRO B 32 -11.76 35.23 -1.04
N LYS B 33 -13.05 34.97 -1.13
CA LYS B 33 -14.06 35.97 -0.83
C LYS B 33 -14.93 35.61 0.36
N GLY B 34 -14.58 34.55 1.09
CA GLY B 34 -15.30 34.20 2.30
C GLY B 34 -14.38 34.19 3.51
N GLN B 35 -14.95 34.31 4.70
CA GLN B 35 -14.16 34.38 5.93
C GLN B 35 -13.40 33.08 6.18
N ILE B 36 -14.04 31.94 5.90
CA ILE B 36 -13.42 30.64 6.06
C ILE B 36 -12.24 30.50 5.09
N GLY B 37 -12.44 30.92 3.85
CA GLY B 37 -11.38 30.87 2.86
C GLY B 37 -10.23 31.80 3.19
N LEU B 38 -10.52 32.98 3.76
CA LEU B 38 -9.46 33.89 4.17
C LEU B 38 -8.65 33.31 5.31
N GLU B 39 -9.31 32.63 6.25
CA GLU B 39 -8.59 31.98 7.34
C GLU B 39 -7.73 30.84 6.83
N GLN B 40 -8.24 30.08 5.86
CA GLN B 40 -7.44 29.00 5.27
C GLN B 40 -6.27 29.52 4.47
N ARG B 41 -6.44 30.66 3.80
CA ARG B 41 -5.34 31.29 3.09
C ARG B 41 -4.26 31.75 4.06
N SER B 42 -4.67 32.31 5.20
CA SER B 42 -3.72 32.73 6.22
C SER B 42 -2.92 31.56 6.76
N LEU B 43 -3.59 30.43 7.02
CA LEU B 43 -2.84 29.30 7.56
C LEU B 43 -1.98 28.63 6.48
N ILE B 44 -2.42 28.65 5.22
CA ILE B 44 -1.59 28.14 4.13
C ILE B 44 -0.30 28.95 4.00
N LEU B 45 -0.42 30.29 4.04
CA LEU B 45 0.77 31.14 3.94
C LEU B 45 1.67 30.98 5.16
N THR B 46 1.09 30.84 6.34
CA THR B 46 1.89 30.69 7.56
C THR B 46 2.64 29.37 7.57
N ALA B 47 1.95 28.27 7.22
CA ALA B 47 2.59 26.97 7.13
C ALA B 47 3.65 26.95 6.04
N PHE B 48 3.35 27.57 4.91
CA PHE B 48 4.28 27.63 3.78
C PHE B 48 5.56 28.36 4.17
N GLY B 49 5.45 29.50 4.85
CA GLY B 49 6.64 30.21 5.29
C GLY B 49 7.44 29.47 6.34
N LEU B 50 6.74 28.86 7.32
CA LEU B 50 7.40 28.05 8.34
C LEU B 50 8.14 26.88 7.75
N MET B 51 7.64 26.32 6.67
CA MET B 51 8.35 25.23 6.03
C MET B 51 9.47 25.73 5.13
N LEU B 52 9.33 26.93 4.55
CA LEU B 52 10.44 27.50 3.78
C LEU B 52 11.67 27.73 4.63
N ILE B 53 11.46 28.06 5.92
CA ILE B 53 12.56 28.23 6.88
C ILE B 53 13.51 27.03 6.90
N VAL B 54 12.98 25.82 6.75
CA VAL B 54 13.83 24.63 6.78
C VAL B 54 14.07 24.02 5.39
N VAL B 55 13.20 24.30 4.42
CA VAL B 55 13.35 23.66 3.11
C VAL B 55 14.31 24.44 2.22
N ILE B 56 14.28 25.78 2.28
CA ILE B 56 15.17 26.59 1.45
C ILE B 56 16.65 26.37 1.76
N PRO B 57 17.11 26.32 3.02
CA PRO B 57 18.51 25.92 3.25
C PRO B 57 18.85 24.53 2.78
N ALA B 58 17.91 23.58 2.80
CA ALA B 58 18.19 22.23 2.32
C ALA B 58 18.50 22.22 0.82
N ILE B 59 17.70 22.92 0.02
CA ILE B 59 17.90 22.96 -1.42
C ILE B 59 19.16 23.77 -1.75
N LEU B 60 19.37 24.88 -1.04
CA LEU B 60 20.56 25.69 -1.27
C LEU B 60 21.83 24.94 -0.91
N MET B 61 21.82 24.17 0.18
CA MET B 61 22.99 23.38 0.50
C MET B 61 23.11 22.18 -0.43
N ALA B 62 22.01 21.73 -1.02
CA ALA B 62 22.11 20.66 -2.02
C ALA B 62 22.91 21.12 -3.22
N VAL B 63 22.54 22.25 -3.80
CA VAL B 63 23.28 22.74 -4.96
C VAL B 63 24.66 23.26 -4.57
N GLY B 64 24.77 23.89 -3.40
CA GLY B 64 26.05 24.45 -2.99
C GLY B 64 27.06 23.41 -2.57
N PHE B 65 26.61 22.37 -1.87
CA PHE B 65 27.50 21.27 -1.49
C PHE B 65 27.83 20.41 -2.70
N ALA B 66 26.91 20.34 -3.68
CA ALA B 66 27.23 19.66 -4.92
C ALA B 66 28.36 20.38 -5.66
N TRP B 67 28.23 21.69 -5.82
CA TRP B 67 29.24 22.40 -6.61
C TRP B 67 30.55 22.57 -5.83
N LYS B 68 30.46 22.94 -4.55
CA LYS B 68 31.66 23.38 -3.82
C LYS B 68 32.60 22.24 -3.57
N TYR B 69 32.08 21.07 -3.19
CA TYR B 69 32.99 19.97 -2.90
C TYR B 69 33.10 19.03 -4.09
N ARG B 70 33.50 19.61 -5.22
CA ARG B 70 33.83 18.88 -6.43
C ARG B 70 35.01 17.96 -6.19
N ALA B 71 35.13 16.94 -7.04
CA ALA B 71 36.35 16.17 -7.06
C ALA B 71 37.50 16.99 -7.62
N SER B 72 37.22 17.83 -8.61
CA SER B 72 38.24 18.65 -9.24
C SER B 72 38.68 19.82 -8.37
N ASN B 73 37.88 20.21 -7.40
CA ASN B 73 38.22 21.34 -6.53
C ASN B 73 39.32 20.89 -5.58
N LYS B 74 40.55 21.35 -5.85
CA LYS B 74 41.69 20.95 -5.03
C LYS B 74 41.64 21.59 -3.65
N ASP B 75 41.32 22.88 -3.57
CA ASP B 75 41.43 23.63 -2.32
C ASP B 75 40.13 23.58 -1.51
N ALA B 76 39.70 22.36 -1.21
CA ALA B 76 38.65 22.07 -0.24
C ALA B 76 39.26 21.30 0.91
N LYS B 77 38.44 20.91 1.88
CA LYS B 77 39.03 20.27 3.05
C LYS B 77 39.25 18.78 2.87
N TYR B 78 38.20 18.05 2.45
CA TYR B 78 38.22 16.59 2.24
C TYR B 78 38.61 15.82 3.50
N SER B 79 37.67 15.76 4.42
CA SER B 79 37.77 14.79 5.50
C SER B 79 36.88 13.59 5.22
N PRO B 80 37.39 12.53 4.59
CA PRO B 80 36.53 11.40 4.20
C PRO B 80 36.11 10.51 5.34
N ASN B 81 36.79 10.56 6.47
CA ASN B 81 36.50 9.67 7.58
C ASN B 81 35.60 10.30 8.64
N TRP B 82 35.33 11.59 8.53
CA TRP B 82 34.44 12.25 9.48
C TRP B 82 33.01 11.84 9.14
N SER B 83 32.35 11.18 10.08
CA SER B 83 31.03 10.62 9.80
C SER B 83 30.04 10.80 10.94
N HIS B 84 30.45 11.39 12.05
CA HIS B 84 29.52 11.68 13.13
C HIS B 84 29.99 12.95 13.83
N SER B 85 29.01 13.73 14.27
CA SER B 85 29.26 14.90 15.10
C SER B 85 28.13 14.97 16.12
N ASN B 86 28.35 15.77 17.16
CA ASN B 86 27.26 15.97 18.10
C ASN B 86 26.49 17.25 17.83
N LYS B 87 27.18 18.32 17.45
CA LYS B 87 26.50 19.59 17.25
C LYS B 87 25.69 19.60 15.96
N VAL B 88 26.22 18.98 14.90
CA VAL B 88 25.51 18.93 13.62
C VAL B 88 24.28 18.03 13.75
N GLU B 89 24.46 16.86 14.36
CA GLU B 89 23.38 15.92 14.63
C GLU B 89 22.31 16.54 15.53
N ALA B 90 22.74 17.29 16.53
CA ALA B 90 21.79 17.98 17.42
C ALA B 90 21.00 19.05 16.68
N VAL B 91 21.66 19.83 15.81
CA VAL B 91 20.96 20.89 15.07
C VAL B 91 19.98 20.30 14.06
N VAL B 92 20.40 19.25 13.35
CA VAL B 92 19.54 18.72 12.30
C VAL B 92 18.42 17.89 12.88
N TRP B 93 18.54 17.43 14.12
CA TRP B 93 17.35 16.98 14.83
C TRP B 93 16.51 18.17 15.28
N THR B 94 17.16 19.22 15.78
CA THR B 94 16.49 20.26 16.56
C THR B 94 15.56 21.10 15.72
N VAL B 95 16.03 21.60 14.57
CA VAL B 95 15.22 22.54 13.79
C VAL B 95 13.95 21.91 13.20
N PRO B 96 13.95 20.68 12.64
CA PRO B 96 12.65 20.04 12.33
C PRO B 96 11.72 19.86 13.51
N ILE B 97 12.25 19.55 14.69
CA ILE B 97 11.43 19.42 15.90
C ILE B 97 10.70 20.73 16.19
N LEU B 98 11.42 21.85 16.16
CA LEU B 98 10.82 23.12 16.56
C LEU B 98 9.82 23.63 15.52
N ILE B 99 10.13 23.45 14.23
CA ILE B 99 9.17 23.83 13.20
C ILE B 99 7.92 22.97 13.27
N ILE B 100 8.07 21.70 13.61
CA ILE B 100 6.89 20.85 13.72
C ILE B 100 6.10 21.15 14.98
N ILE B 101 6.75 21.58 16.07
CA ILE B 101 6.00 22.02 17.26
C ILE B 101 5.15 23.25 16.96
N PHE B 102 5.73 24.27 16.31
CA PHE B 102 4.92 25.45 15.99
C PHE B 102 3.81 25.13 15.01
N LEU B 103 4.11 24.33 13.99
CA LEU B 103 3.10 23.98 13.00
C LEU B 103 2.04 23.05 13.59
N ALA B 104 2.41 22.27 14.60
CA ALA B 104 1.47 21.38 15.26
C ALA B 104 0.52 22.15 16.17
N VAL B 105 1.05 23.17 16.86
CA VAL B 105 0.20 24.02 17.68
C VAL B 105 -0.80 24.78 16.80
N LEU B 106 -0.32 25.30 15.67
CA LEU B 106 -1.21 25.99 14.75
C LEU B 106 -2.23 25.03 14.13
N THR B 107 -1.81 23.79 13.91
CA THR B 107 -2.70 22.76 13.40
C THR B 107 -3.82 22.44 14.38
N TRP B 108 -3.49 22.33 15.67
CA TRP B 108 -4.49 22.11 16.71
C TRP B 108 -5.51 23.24 16.76
N LYS B 109 -5.03 24.49 16.85
CA LYS B 109 -5.93 25.63 16.98
C LYS B 109 -6.79 25.82 15.74
N THR B 110 -6.20 25.67 14.55
CA THR B 110 -6.96 25.92 13.33
C THR B 110 -7.88 24.75 12.97
N THR B 111 -7.54 23.52 13.37
CA THR B 111 -8.45 22.42 13.13
C THR B 111 -9.66 22.52 14.03
N HIS B 112 -9.47 22.99 15.27
CA HIS B 112 -10.65 23.19 16.10
C HIS B 112 -11.42 24.44 15.69
N ALA B 113 -10.75 25.44 15.14
CA ALA B 113 -11.44 26.68 14.76
C ALA B 113 -12.26 26.52 13.49
N LEU B 114 -11.71 25.89 12.46
CA LEU B 114 -12.35 25.81 11.15
C LEU B 114 -13.04 24.48 10.91
N GLU B 115 -13.63 23.89 11.94
CA GLU B 115 -14.38 22.66 11.76
C GLU B 115 -15.64 22.95 10.95
N PRO B 116 -15.90 22.21 9.87
CA PRO B 116 -17.07 22.49 9.01
C PRO B 116 -18.40 22.35 9.70
N SER B 117 -18.53 21.45 10.66
CA SER B 117 -19.79 21.30 11.37
C SER B 117 -20.03 22.39 12.39
N LYS B 118 -19.02 23.17 12.74
CA LYS B 118 -19.16 24.20 13.75
C LYS B 118 -19.84 25.42 13.17
N PRO B 119 -20.90 25.93 13.80
CA PRO B 119 -21.56 27.14 13.28
C PRO B 119 -20.70 28.38 13.42
N LEU B 120 -20.93 29.34 12.55
CA LEU B 120 -20.14 30.55 12.52
C LEU B 120 -20.63 31.56 13.53
N ALA B 121 -19.70 32.25 14.18
CA ALA B 121 -20.05 33.30 15.13
C ALA B 121 -20.52 34.52 14.38
N HIS B 122 -21.83 34.73 14.36
CA HIS B 122 -22.41 35.81 13.58
C HIS B 122 -23.75 36.18 14.17
N ASP B 123 -24.03 37.49 14.22
CA ASP B 123 -25.31 37.95 14.75
C ASP B 123 -26.47 37.72 13.79
N GLU B 124 -26.20 37.60 12.50
CA GLU B 124 -27.25 37.25 11.54
C GLU B 124 -27.62 35.79 11.70
N LYS B 125 -28.90 35.49 11.59
CA LYS B 125 -29.24 34.08 11.64
C LYS B 125 -28.94 33.42 10.29
N PRO B 126 -28.46 32.17 10.30
CA PRO B 126 -28.02 31.55 9.04
C PRO B 126 -29.19 31.19 8.14
N ILE B 127 -28.86 31.03 6.86
CA ILE B 127 -29.79 30.53 5.86
C ILE B 127 -29.47 29.06 5.63
N THR B 128 -30.46 28.20 5.83
CA THR B 128 -30.26 26.77 5.71
C THR B 128 -30.55 26.33 4.28
N ILE B 129 -29.54 25.76 3.63
CA ILE B 129 -29.67 25.20 2.29
C ILE B 129 -29.37 23.72 2.36
N GLU B 130 -30.24 22.91 1.76
CA GLU B 130 -30.14 21.47 1.76
C GLU B 130 -29.62 21.03 0.40
N VAL B 131 -28.56 20.22 0.41
CA VAL B 131 -27.79 19.90 -0.78
C VAL B 131 -27.86 18.40 -0.99
N VAL B 132 -28.31 18.00 -2.17
CA VAL B 132 -28.37 16.56 -2.51
C VAL B 132 -27.60 16.38 -3.80
N SER B 133 -26.61 15.51 -3.78
CA SER B 133 -25.84 15.18 -4.99
C SER B 133 -26.60 14.19 -5.84
N MET B 134 -27.28 14.64 -6.89
CA MET B 134 -27.95 13.68 -7.80
C MET B 134 -26.90 13.03 -8.70
N ASP B 135 -27.29 12.17 -9.65
CA ASP B 135 -26.24 11.43 -10.42
C ASP B 135 -25.14 12.40 -10.88
N TRP B 136 -25.47 13.33 -11.78
CA TRP B 136 -24.46 14.31 -12.27
C TRP B 136 -25.08 15.71 -12.30
N LYS B 137 -25.65 16.15 -11.16
CA LYS B 137 -26.29 17.47 -11.04
C LYS B 137 -26.29 17.79 -9.55
N TRP B 138 -26.52 19.04 -9.19
CA TRP B 138 -26.63 19.40 -7.75
C TRP B 138 -28.05 19.86 -7.47
N PHE B 139 -28.71 19.25 -6.48
CA PHE B 139 -30.08 19.59 -6.15
C PHE B 139 -30.11 20.35 -4.85
N PHE B 140 -30.87 21.43 -4.80
CA PHE B 140 -30.89 22.27 -3.61
C PHE B 140 -32.30 22.53 -3.15
N ILE B 141 -32.48 22.49 -1.83
CA ILE B 141 -33.76 22.71 -1.17
C ILE B 141 -33.61 23.87 -0.22
N TYR B 142 -34.51 24.84 -0.32
CA TYR B 142 -34.63 25.89 0.69
C TYR B 142 -35.89 25.58 1.48
N PRO B 143 -35.76 25.07 2.70
CA PRO B 143 -36.92 24.62 3.47
C PRO B 143 -37.79 25.75 3.97
N GLU B 144 -37.18 26.75 4.63
CA GLU B 144 -37.97 27.85 5.15
C GLU B 144 -38.41 28.80 4.06
N GLN B 145 -37.83 28.71 2.86
CA GLN B 145 -38.37 29.38 1.69
C GLN B 145 -39.26 28.47 0.89
N GLY B 146 -39.11 27.16 1.03
CA GLY B 146 -39.93 26.18 0.36
C GLY B 146 -39.76 26.14 -1.14
N ILE B 147 -38.51 26.19 -1.62
CA ILE B 147 -38.24 26.13 -3.06
C ILE B 147 -37.11 25.14 -3.29
N ALA B 148 -36.87 24.84 -4.56
CA ALA B 148 -35.79 23.95 -4.94
C ALA B 148 -35.15 24.45 -6.22
N THR B 149 -33.87 24.14 -6.39
CA THR B 149 -33.13 24.53 -7.58
C THR B 149 -32.28 23.36 -8.04
N VAL B 150 -31.85 23.44 -9.29
CA VAL B 150 -30.79 22.58 -9.80
C VAL B 150 -29.63 23.46 -10.23
N ASN B 151 -28.45 23.18 -9.69
CA ASN B 151 -27.16 23.73 -10.14
C ASN B 151 -27.06 25.24 -9.94
N GLU B 152 -27.78 25.77 -8.96
CA GLU B 152 -27.67 27.18 -8.61
C GLU B 152 -28.13 27.42 -7.19
N ILE B 153 -27.37 28.17 -6.41
CA ILE B 153 -27.84 28.67 -5.13
C ILE B 153 -27.64 30.17 -5.08
N ALA B 154 -28.48 30.83 -4.29
CA ALA B 154 -28.26 32.22 -3.97
C ALA B 154 -28.48 32.43 -2.48
N PHE B 155 -27.80 33.44 -1.94
CA PHE B 155 -27.90 33.80 -0.54
C PHE B 155 -27.43 35.23 -0.40
N PRO B 156 -27.90 35.97 0.61
CA PRO B 156 -27.36 37.33 0.82
C PRO B 156 -25.90 37.28 1.24
N ALA B 157 -25.17 38.31 0.86
CA ALA B 157 -23.78 38.42 1.28
C ALA B 157 -23.72 38.78 2.76
N ASN B 158 -22.58 38.43 3.37
CA ASN B 158 -22.28 38.69 4.79
C ASN B 158 -23.30 38.05 5.72
N THR B 159 -23.85 36.92 5.30
CA THR B 159 -24.85 36.19 6.06
C THR B 159 -24.36 34.75 6.17
N PRO B 160 -24.39 34.16 7.36
CA PRO B 160 -23.94 32.77 7.50
C PRO B 160 -24.90 31.81 6.82
N VAL B 161 -24.33 30.81 6.16
CA VAL B 161 -25.07 29.84 5.37
C VAL B 161 -24.76 28.45 5.89
N TYR B 162 -25.80 27.69 6.20
CA TYR B 162 -25.70 26.36 6.78
C TYR B 162 -26.12 25.35 5.72
N PHE B 163 -25.16 24.59 5.21
CA PHE B 163 -25.40 23.59 4.19
C PHE B 163 -25.59 22.24 4.86
N LYS B 164 -26.71 21.59 4.61
CA LYS B 164 -26.95 20.22 5.03
C LYS B 164 -26.80 19.36 3.79
N VAL B 165 -25.70 18.60 3.71
CA VAL B 165 -25.29 17.97 2.46
C VAL B 165 -25.41 16.47 2.59
N THR B 166 -26.02 15.84 1.58
CA THR B 166 -26.07 14.40 1.46
C THR B 166 -25.95 14.05 -0.02
N SER B 167 -25.79 12.76 -0.32
CA SER B 167 -25.80 12.31 -1.70
C SER B 167 -27.03 11.48 -1.99
N ASN B 168 -27.28 11.27 -3.28
CA ASN B 168 -28.33 10.39 -3.73
C ASN B 168 -27.83 9.08 -4.27
N SER B 169 -26.66 9.06 -4.92
CA SER B 169 -26.15 7.83 -5.48
C SER B 169 -24.81 7.41 -4.87
N VAL B 170 -23.77 8.22 -5.05
CA VAL B 170 -22.40 7.85 -4.72
C VAL B 170 -21.76 9.05 -4.06
N MET B 171 -20.53 8.88 -3.62
CA MET B 171 -19.89 9.92 -2.84
C MET B 171 -19.43 11.06 -3.75
N ASN B 172 -19.78 12.28 -3.36
CA ASN B 172 -19.28 13.46 -4.04
C ASN B 172 -18.61 14.37 -3.02
N SER B 173 -18.26 15.59 -3.44
CA SER B 173 -17.63 16.52 -2.51
C SER B 173 -18.09 17.92 -2.89
N PHE B 174 -19.03 18.46 -2.12
CA PHE B 174 -19.54 19.81 -2.32
C PHE B 174 -18.43 20.83 -2.09
N PHE B 175 -18.17 21.69 -3.08
CA PHE B 175 -17.02 22.57 -2.96
C PHE B 175 -17.24 23.89 -3.68
N ILE B 176 -17.28 24.98 -2.92
CA ILE B 176 -17.12 26.30 -3.49
C ILE B 176 -15.75 26.79 -3.07
N PRO B 177 -14.75 26.74 -3.95
CA PRO B 177 -13.36 27.01 -3.53
C PRO B 177 -13.10 28.45 -3.14
N ARG B 178 -13.81 29.39 -3.75
CA ARG B 178 -13.64 30.79 -3.40
C ARG B 178 -14.20 31.10 -2.02
N LEU B 179 -15.19 30.36 -1.56
CA LEU B 179 -15.85 30.64 -0.29
C LEU B 179 -15.26 29.88 0.88
N GLY B 180 -14.92 28.60 0.70
CA GLY B 180 -14.42 27.85 1.83
C GLY B 180 -14.11 26.39 1.54
N SER B 181 -14.52 25.52 2.45
CA SER B 181 -14.04 24.15 2.55
C SER B 181 -14.80 23.19 1.66
N GLN B 182 -14.21 22.01 1.46
CA GLN B 182 -14.93 20.87 0.92
C GLN B 182 -15.70 20.17 2.04
N ILE B 183 -16.74 19.45 1.65
CA ILE B 183 -17.35 18.46 2.52
C ILE B 183 -17.88 17.34 1.63
N TYR B 184 -17.73 16.11 2.09
CA TYR B 184 -18.17 14.98 1.29
C TYR B 184 -19.69 14.87 1.29
N ALA B 185 -20.24 14.44 0.17
CA ALA B 185 -21.66 14.19 0.04
C ALA B 185 -21.86 12.69 -0.10
N MET B 186 -22.43 12.07 0.93
CA MET B 186 -22.55 10.62 0.98
C MET B 186 -24.00 10.24 1.22
N ALA B 187 -24.45 9.20 0.53
CA ALA B 187 -25.87 8.85 0.54
C ALA B 187 -26.25 8.17 1.85
N GLY B 188 -27.45 8.49 2.33
CA GLY B 188 -27.94 7.92 3.55
C GLY B 188 -27.40 8.52 4.81
N MET B 189 -26.71 9.64 4.72
CA MET B 189 -26.07 10.25 5.88
C MET B 189 -25.90 11.72 5.60
N GLN B 190 -25.84 12.52 6.65
CA GLN B 190 -25.87 13.97 6.50
C GLN B 190 -24.59 14.59 7.03
N THR B 191 -23.87 15.27 6.16
CA THR B 191 -22.81 16.18 6.56
C THR B 191 -23.38 17.59 6.67
N ARG B 192 -22.58 18.47 7.24
CA ARG B 192 -23.00 19.85 7.37
C ARG B 192 -21.79 20.75 7.28
N LEU B 193 -21.98 21.89 6.63
CA LEU B 193 -20.93 22.87 6.37
C LEU B 193 -21.46 24.25 6.69
N HIS B 194 -20.58 25.11 7.18
CA HIS B 194 -20.95 26.49 7.46
C HIS B 194 -20.05 27.40 6.64
N LEU B 195 -20.67 28.26 5.82
CA LEU B 195 -19.93 29.16 4.96
C LEU B 195 -20.49 30.56 5.11
N ILE B 196 -19.77 31.51 4.54
CA ILE B 196 -20.23 32.90 4.44
C ILE B 196 -19.45 33.54 3.30
N ALA B 197 -20.10 34.46 2.60
CA ALA B 197 -19.45 35.26 1.58
C ALA B 197 -19.26 36.67 2.11
N ASN B 198 -18.04 37.17 2.06
CA ASN B 198 -17.74 38.51 2.50
C ASN B 198 -17.94 39.55 1.42
N GLU B 199 -18.41 39.15 0.25
CA GLU B 199 -18.45 40.02 -0.91
C GLU B 199 -19.48 39.49 -1.91
N PRO B 200 -20.35 40.35 -2.44
CA PRO B 200 -21.30 39.90 -3.47
C PRO B 200 -20.60 39.47 -4.74
N GLY B 201 -21.18 38.49 -5.43
CA GLY B 201 -20.55 38.00 -6.63
C GLY B 201 -21.17 36.69 -7.09
N THR B 202 -20.46 36.01 -7.98
CA THR B 202 -20.90 34.73 -8.51
C THR B 202 -19.71 33.79 -8.49
N TYR B 203 -19.81 32.72 -7.72
CA TYR B 203 -18.70 31.84 -7.44
C TYR B 203 -18.99 30.46 -8.00
N ASP B 204 -18.01 29.91 -8.72
CA ASP B 204 -18.16 28.57 -9.26
C ASP B 204 -18.04 27.54 -8.14
N GLY B 205 -18.97 26.60 -8.12
CA GLY B 205 -18.89 25.47 -7.22
C GLY B 205 -18.86 24.20 -8.04
N ILE B 206 -18.28 23.16 -7.47
CA ILE B 206 -18.06 21.90 -8.15
C ILE B 206 -18.32 20.75 -7.19
N SER B 207 -18.37 19.56 -7.77
CA SER B 207 -18.09 18.34 -7.04
C SER B 207 -16.59 18.12 -7.06
N ALA B 208 -16.02 17.82 -5.91
CA ALA B 208 -14.58 17.60 -5.81
C ALA B 208 -14.24 16.15 -5.51
N SER B 209 -15.19 15.25 -5.71
CA SER B 209 -14.91 13.82 -5.63
C SER B 209 -15.56 13.17 -6.83
N TYR B 210 -14.78 12.42 -7.59
CA TYR B 210 -15.25 11.81 -8.83
C TYR B 210 -16.40 10.85 -8.61
N SER B 211 -17.43 10.97 -9.44
CA SER B 211 -18.66 10.24 -9.25
C SER B 211 -19.14 9.49 -10.48
N GLY B 212 -18.38 9.48 -11.57
CA GLY B 212 -18.76 8.71 -12.72
C GLY B 212 -18.75 9.49 -14.02
N PRO B 213 -19.40 8.95 -15.06
CA PRO B 213 -19.43 9.61 -16.36
C PRO B 213 -20.36 10.81 -16.38
N GLY B 214 -19.86 11.97 -16.00
CA GLY B 214 -20.72 13.12 -15.86
C GLY B 214 -20.23 13.99 -14.73
N PHE B 215 -19.19 13.50 -14.06
CA PHE B 215 -18.56 14.22 -12.95
C PHE B 215 -18.00 15.57 -13.40
N SER B 216 -17.54 15.66 -14.64
CA SER B 216 -17.05 16.92 -15.17
C SER B 216 -18.16 17.95 -15.32
N GLY B 217 -19.40 17.48 -15.51
CA GLY B 217 -20.50 18.41 -15.69
C GLY B 217 -21.14 18.90 -14.42
N MET B 218 -21.01 18.16 -13.33
CA MET B 218 -21.75 18.53 -12.13
C MET B 218 -21.04 19.70 -11.44
N LYS B 219 -21.63 20.87 -11.60
CA LYS B 219 -20.95 22.15 -11.49
C LYS B 219 -22.01 23.24 -11.39
N PHE B 220 -21.94 24.08 -10.37
CA PHE B 220 -23.03 24.99 -10.06
C PHE B 220 -22.49 26.40 -9.85
N LYS B 221 -23.39 27.33 -9.65
CA LYS B 221 -23.07 28.72 -9.35
C LYS B 221 -23.69 29.11 -8.02
N ALA B 222 -22.91 29.80 -7.20
CA ALA B 222 -23.42 30.42 -5.98
C ALA B 222 -23.43 31.93 -6.18
N ILE B 223 -24.59 32.54 -6.00
CA ILE B 223 -24.73 33.98 -6.20
C ILE B 223 -24.86 34.62 -4.83
N ALA B 224 -23.90 35.45 -4.47
CA ALA B 224 -23.99 36.27 -3.27
C ALA B 224 -24.59 37.60 -3.70
N THR B 225 -25.87 37.78 -3.39
CA THR B 225 -26.55 39.02 -3.69
C THR B 225 -26.03 40.12 -2.78
N PRO B 226 -26.05 41.38 -3.22
CA PRO B 226 -25.54 42.47 -2.38
C PRO B 226 -26.35 42.71 -1.12
N ASP B 227 -27.62 42.32 -1.09
CA ASP B 227 -28.49 42.58 0.03
C ASP B 227 -29.64 41.59 0.03
N ARG B 228 -30.45 41.65 1.09
CA ARG B 228 -31.54 40.71 1.29
C ARG B 228 -32.65 40.90 0.27
N ALA B 229 -32.86 42.14 -0.20
CA ALA B 229 -33.95 42.41 -1.13
C ALA B 229 -33.68 41.80 -2.49
N ALA B 230 -32.41 41.69 -2.88
CA ALA B 230 -32.08 41.01 -4.12
C ALA B 230 -32.20 39.51 -3.98
N PHE B 231 -31.93 38.99 -2.79
CA PHE B 231 -32.06 37.56 -2.54
C PHE B 231 -33.53 37.16 -2.50
N ASP B 232 -34.38 38.01 -1.93
CA ASP B 232 -35.81 37.74 -1.91
C ASP B 232 -36.42 37.81 -3.31
N GLN B 233 -35.85 38.65 -4.18
CA GLN B 233 -36.26 38.69 -5.57
C GLN B 233 -35.89 37.42 -6.31
N TRP B 234 -34.76 36.81 -5.96
CA TRP B 234 -34.37 35.54 -6.57
C TRP B 234 -35.25 34.40 -6.07
N VAL B 235 -35.67 34.47 -4.81
CA VAL B 235 -36.63 33.50 -4.29
C VAL B 235 -37.98 33.66 -4.96
N ALA B 236 -38.42 34.91 -5.14
CA ALA B 236 -39.72 35.17 -5.77
C ALA B 236 -39.73 34.76 -7.24
N LYS B 237 -38.57 34.79 -7.89
CA LYS B 237 -38.47 34.27 -9.24
C LYS B 237 -38.62 32.76 -9.27
N ALA B 238 -38.14 32.08 -8.22
CA ALA B 238 -38.23 30.63 -8.16
C ALA B 238 -39.65 30.16 -7.87
N LYS B 239 -40.47 30.98 -7.21
CA LYS B 239 -41.85 30.61 -6.97
C LYS B 239 -42.73 30.73 -8.20
N GLN B 240 -42.23 31.31 -9.28
CA GLN B 240 -42.97 31.39 -10.53
C GLN B 240 -42.74 30.18 -11.42
N SER B 241 -42.03 29.19 -10.94
CA SER B 241 -41.74 28.01 -11.77
C SER B 241 -42.99 27.15 -11.89
N PRO B 242 -43.35 26.71 -13.10
CA PRO B 242 -44.49 25.80 -13.24
C PRO B 242 -44.28 24.44 -12.59
N ASN B 243 -43.05 23.96 -12.53
CA ASN B 243 -42.78 22.63 -12.00
C ASN B 243 -42.64 22.68 -10.48
N THR B 244 -43.13 21.62 -9.84
CA THR B 244 -43.09 21.51 -8.38
C THR B 244 -42.39 20.23 -7.98
N MET B 245 -41.67 20.28 -6.87
CA MET B 245 -41.09 19.09 -6.26
C MET B 245 -41.98 18.62 -5.12
N SER B 246 -43.19 18.20 -5.48
CA SER B 246 -44.23 17.99 -4.49
C SER B 246 -44.07 16.70 -3.71
N ASP B 247 -43.41 15.69 -4.28
CA ASP B 247 -43.38 14.37 -3.67
C ASP B 247 -42.15 13.61 -4.17
N MET B 248 -42.06 12.33 -3.81
CA MET B 248 -40.90 11.54 -4.18
C MET B 248 -40.91 11.14 -5.65
N ALA B 249 -42.09 11.11 -6.28
CA ALA B 249 -42.17 10.75 -7.69
C ALA B 249 -41.47 11.78 -8.56
N ALA B 250 -41.65 13.07 -8.26
CA ALA B 250 -40.94 14.13 -8.96
C ALA B 250 -39.45 14.07 -8.66
N PHE B 251 -39.09 13.63 -7.45
CA PHE B 251 -37.68 13.49 -7.11
C PHE B 251 -37.01 12.42 -7.96
N GLU B 252 -37.62 11.24 -8.06
CA GLU B 252 -37.00 10.18 -8.85
C GLU B 252 -37.12 10.44 -10.33
N LYS B 253 -38.07 11.26 -10.76
CA LYS B 253 -38.05 11.76 -12.14
C LYS B 253 -36.84 12.66 -12.36
N LEU B 254 -36.54 13.52 -11.40
CA LEU B 254 -35.37 14.38 -11.54
C LEU B 254 -34.08 13.61 -11.28
N ALA B 255 -34.13 12.57 -10.46
CA ALA B 255 -32.92 11.82 -10.11
C ALA B 255 -32.52 10.78 -11.15
N ALA B 256 -33.25 10.69 -12.26
CA ALA B 256 -32.78 9.88 -13.37
C ALA B 256 -31.47 10.46 -13.90
N PRO B 257 -30.52 9.61 -14.29
CA PRO B 257 -29.18 10.10 -14.64
C PRO B 257 -29.19 10.98 -15.89
N SER B 258 -28.44 12.07 -15.83
CA SER B 258 -28.37 13.03 -16.91
C SER B 258 -27.09 13.83 -16.73
N GLU B 259 -26.81 14.70 -17.69
CA GLU B 259 -25.53 15.40 -17.73
C GLU B 259 -25.74 16.86 -18.07
N TYR B 260 -24.89 17.71 -17.48
CA TYR B 260 -24.69 19.12 -17.88
C TYR B 260 -25.99 19.92 -17.80
N ASN B 261 -26.82 19.61 -16.81
CA ASN B 261 -28.17 20.15 -16.81
C ASN B 261 -28.20 21.60 -16.39
N GLN B 262 -29.16 22.31 -16.94
CA GLN B 262 -29.27 23.74 -16.81
C GLN B 262 -29.88 24.10 -15.47
N VAL B 263 -29.88 25.40 -15.18
CA VAL B 263 -30.55 25.88 -13.98
C VAL B 263 -32.06 25.78 -14.17
N GLU B 264 -32.71 25.09 -13.24
CA GLU B 264 -34.16 25.07 -13.20
C GLU B 264 -34.60 25.22 -11.75
N TYR B 265 -35.84 25.63 -11.59
CA TYR B 265 -36.39 25.96 -10.28
C TYR B 265 -37.66 25.15 -10.04
N PHE B 266 -38.00 25.01 -8.76
CA PHE B 266 -39.19 24.32 -8.33
C PHE B 266 -39.83 25.13 -7.23
N SER B 267 -41.14 25.35 -7.33
CA SER B 267 -41.85 26.31 -6.48
C SER B 267 -42.47 25.69 -5.24
N ASN B 268 -42.90 24.44 -5.31
CA ASN B 268 -43.49 23.75 -4.17
C ASN B 268 -42.63 22.54 -3.83
N VAL B 269 -42.26 22.43 -2.57
CA VAL B 269 -41.37 21.36 -2.12
C VAL B 269 -42.05 20.64 -0.96
N LYS B 270 -42.02 19.32 -1.01
CA LYS B 270 -42.46 18.49 0.11
C LYS B 270 -41.64 18.86 1.35
N PRO B 271 -42.28 19.14 2.49
CA PRO B 271 -41.63 19.89 3.57
C PRO B 271 -40.45 19.22 4.23
N ASP B 272 -40.28 17.91 4.09
CA ASP B 272 -39.13 17.22 4.67
C ASP B 272 -38.51 16.27 3.66
N LEU B 273 -38.22 16.80 2.47
CA LEU B 273 -37.69 15.97 1.39
C LEU B 273 -36.29 15.44 1.70
N PHE B 274 -35.47 16.25 2.37
CA PHE B 274 -34.11 15.86 2.73
C PHE B 274 -34.09 14.65 3.65
N ALA B 275 -34.98 14.66 4.64
CA ALA B 275 -35.15 13.52 5.53
C ALA B 275 -35.62 12.29 4.76
N ASP B 276 -36.48 12.49 3.75
CA ASP B 276 -36.98 11.37 2.97
C ASP B 276 -35.88 10.73 2.12
N VAL B 277 -35.00 11.57 1.57
CA VAL B 277 -33.90 11.07 0.75
C VAL B 277 -32.90 10.30 1.61
N ILE B 278 -32.65 10.78 2.83
CA ILE B 278 -31.76 10.02 3.70
C ILE B 278 -32.46 8.74 4.22
N ASN B 279 -33.78 8.78 4.41
CA ASN B 279 -34.50 7.63 4.90
C ASN B 279 -34.67 6.55 3.84
N LYS B 280 -34.54 6.91 2.56
CA LYS B 280 -34.43 5.90 1.49
C LYS B 280 -33.33 4.88 1.75
N PHE B 281 -32.21 5.32 2.33
CA PHE B 281 -31.11 4.42 2.63
C PHE B 281 -31.07 3.98 4.08
N MET B 282 -31.68 4.72 5.00
CA MET B 282 -31.88 4.11 6.31
C MET B 282 -33.20 3.36 6.43
N ALA B 283 -33.80 2.94 5.32
CA ALA B 283 -35.04 2.18 5.36
C ALA B 283 -34.84 0.84 6.07
N HIS B 284 -35.73 0.53 7.00
CA HIS B 284 -35.68 -0.73 7.74
C HIS B 284 -36.64 -1.74 7.13
N GLY B 285 -37.93 -1.39 7.07
CA GLY B 285 -38.95 -2.26 6.54
C GLY B 285 -40.33 -1.64 6.74
N MET C 1 29.06 -14.52 25.92
CA MET C 1 28.86 -13.21 25.32
C MET C 1 30.18 -12.50 25.09
N ALA C 2 30.76 -12.66 23.90
CA ALA C 2 32.07 -12.10 23.63
C ALA C 2 32.21 -11.87 22.13
N THR C 3 33.20 -11.04 21.79
CA THR C 3 33.57 -10.76 20.40
C THR C 3 34.85 -11.52 20.06
N ASP C 4 34.74 -12.49 19.16
CA ASP C 4 35.84 -13.35 18.78
C ASP C 4 36.23 -13.07 17.32
N THR C 5 37.32 -12.34 17.13
CA THR C 5 37.82 -12.07 15.78
C THR C 5 38.53 -13.27 15.18
N LEU C 6 38.89 -14.27 16.00
CA LEU C 6 39.74 -15.38 15.58
C LEU C 6 38.98 -16.68 15.33
N THR C 7 37.77 -16.83 15.88
CA THR C 7 36.97 -18.00 15.62
C THR C 7 36.45 -17.92 14.18
N HIS C 8 37.18 -18.52 13.24
CA HIS C 8 36.95 -18.35 11.82
C HIS C 8 36.30 -19.56 11.19
N ALA C 9 35.75 -20.47 11.99
CA ALA C 9 35.04 -21.63 11.50
C ALA C 9 33.56 -21.29 11.35
N THR C 10 32.73 -22.32 11.18
CA THR C 10 31.27 -22.19 11.16
C THR C 10 30.65 -22.87 12.38
N ALA C 11 31.26 -22.65 13.55
CA ALA C 11 30.82 -23.31 14.77
C ALA C 11 29.57 -22.66 15.33
N HIS C 12 28.58 -23.48 15.68
CA HIS C 12 27.32 -23.04 16.25
C HIS C 12 26.93 -24.06 17.31
N ALA C 13 26.03 -23.65 18.21
CA ALA C 13 25.60 -24.50 19.31
C ALA C 13 24.90 -25.75 18.79
N HIS C 14 24.98 -26.83 19.60
CA HIS C 14 24.94 -28.21 19.12
C HIS C 14 23.65 -28.60 18.40
N GLU C 15 22.57 -28.80 19.17
CA GLU C 15 21.23 -29.20 18.72
C GLU C 15 21.24 -30.24 17.60
N HIS C 16 21.90 -31.37 17.90
CA HIS C 16 22.17 -32.53 17.03
C HIS C 16 23.06 -32.21 15.82
N GLY C 17 23.71 -31.03 15.78
CA GLY C 17 24.85 -30.75 14.91
C GLY C 17 24.71 -30.91 13.41
N HIS C 18 23.61 -30.46 12.83
CA HIS C 18 23.39 -30.56 11.38
C HIS C 18 23.77 -29.29 10.63
N HIS C 19 23.29 -28.14 11.11
CA HIS C 19 23.51 -26.80 10.54
C HIS C 19 23.04 -26.71 9.09
N ASP C 20 22.01 -27.48 8.73
CA ASP C 20 21.16 -27.22 7.57
C ASP C 20 19.75 -27.38 8.13
N ALA C 21 19.25 -26.31 8.74
CA ALA C 21 18.14 -26.41 9.67
C ALA C 21 16.83 -25.95 9.02
N GLY C 22 15.74 -26.42 9.59
CA GLY C 22 14.42 -26.00 9.23
C GLY C 22 13.88 -24.84 10.04
N GLY C 23 14.70 -24.25 10.92
CA GLY C 23 14.20 -23.17 11.78
C GLY C 23 13.94 -21.89 11.02
N THR C 24 14.59 -21.72 9.87
CA THR C 24 14.29 -20.62 8.97
C THR C 24 12.85 -20.70 8.46
N LYS C 25 12.40 -21.90 8.12
CA LYS C 25 11.03 -22.07 7.63
C LYS C 25 10.00 -21.92 8.75
N ILE C 26 10.34 -22.34 9.97
CA ILE C 26 9.46 -22.11 11.12
C ILE C 26 9.33 -20.63 11.40
N PHE C 27 10.44 -19.89 11.34
CA PHE C 27 10.40 -18.45 11.54
C PHE C 27 9.61 -17.76 10.43
N GLY C 28 9.75 -18.23 9.20
CA GLY C 28 8.99 -17.67 8.10
C GLY C 28 7.50 -17.91 8.22
N PHE C 29 7.12 -19.10 8.66
CA PHE C 29 5.70 -19.37 8.92
C PHE C 29 5.18 -18.54 10.07
N TRP C 30 6.02 -18.27 11.07
CA TRP C 30 5.61 -17.41 12.17
C TRP C 30 5.32 -16.00 11.69
N ILE C 31 6.17 -15.48 10.79
CA ILE C 31 5.96 -14.14 10.25
C ILE C 31 4.71 -14.09 9.37
N TYR C 32 4.47 -15.17 8.60
CA TYR C 32 3.23 -15.27 7.84
C TYR C 32 2.01 -15.30 8.76
N LEU C 33 2.12 -15.98 9.89
CA LEU C 33 1.00 -16.02 10.83
C LEU C 33 0.76 -14.67 11.48
N MET C 34 1.80 -13.84 11.63
CA MET C 34 1.56 -12.47 12.10
C MET C 34 0.82 -11.65 11.04
N SER C 35 1.18 -11.85 9.77
CA SER C 35 0.42 -11.21 8.70
C SER C 35 -1.04 -11.68 8.69
N ASP C 36 -1.27 -12.96 8.97
CA ASP C 36 -2.63 -13.47 8.96
C ASP C 36 -3.38 -13.05 10.23
N CYS C 37 -2.66 -12.79 11.33
CA CYS C 37 -3.24 -12.10 12.49
C CYS C 37 -3.77 -10.74 12.09
N ILE C 38 -3.00 -10.00 11.30
CA ILE C 38 -3.42 -8.68 10.87
C ILE C 38 -4.64 -8.77 9.94
N LEU C 39 -4.66 -9.79 9.09
CA LEU C 39 -5.83 -10.11 8.25
C LEU C 39 -7.09 -10.33 9.08
N PHE C 40 -6.99 -11.19 10.09
CA PHE C 40 -8.13 -11.47 10.97
C PHE C 40 -8.51 -10.25 11.80
N SER C 41 -7.55 -9.40 12.15
CA SER C 41 -7.85 -8.21 12.92
C SER C 41 -8.64 -7.21 12.10
N ILE C 42 -8.32 -7.09 10.81
CA ILE C 42 -9.10 -6.22 9.92
C ILE C 42 -10.52 -6.73 9.79
N LEU C 43 -10.69 -8.06 9.70
CA LEU C 43 -12.04 -8.62 9.72
C LEU C 43 -12.77 -8.36 11.03
N PHE C 44 -12.05 -8.43 12.14
CA PHE C 44 -12.64 -8.14 13.45
C PHE C 44 -13.09 -6.68 13.56
N ALA C 45 -12.27 -5.76 13.06
CA ALA C 45 -12.63 -4.35 13.08
C ALA C 45 -13.84 -4.09 12.18
N THR C 46 -13.91 -4.79 11.06
CA THR C 46 -15.10 -4.70 10.19
C THR C 46 -16.35 -5.20 10.90
N TYR C 47 -16.24 -6.31 11.62
CA TYR C 47 -17.40 -6.81 12.37
C TYR C 47 -17.80 -5.85 13.48
N ALA C 48 -16.82 -5.25 14.16
CA ALA C 48 -17.12 -4.30 15.22
C ALA C 48 -17.80 -3.05 14.68
N VAL C 49 -17.41 -2.61 13.49
CA VAL C 49 -18.05 -1.46 12.87
C VAL C 49 -19.47 -1.81 12.40
N LEU C 50 -19.64 -2.98 11.80
CA LEU C 50 -20.87 -3.34 11.12
C LEU C 50 -21.83 -4.14 11.97
N VAL C 51 -21.55 -4.34 13.26
CA VAL C 51 -22.34 -5.27 14.08
C VAL C 51 -23.77 -4.78 14.29
N ASN C 52 -23.99 -3.47 14.34
CA ASN C 52 -25.32 -2.93 14.52
C ASN C 52 -26.03 -2.65 13.21
N GLY C 53 -25.52 -3.20 12.10
CA GLY C 53 -26.13 -3.01 10.80
C GLY C 53 -27.20 -4.03 10.49
N THR C 54 -27.93 -4.45 11.51
CA THR C 54 -29.09 -5.34 11.36
C THR C 54 -30.19 -4.49 10.74
N ALA C 55 -30.30 -4.60 9.41
CA ALA C 55 -31.04 -3.62 8.61
C ALA C 55 -32.53 -3.61 8.95
N GLY C 56 -33.16 -4.77 8.93
CA GLY C 56 -34.49 -4.88 9.48
C GLY C 56 -34.65 -6.26 10.08
N GLY C 57 -33.56 -7.00 10.11
CA GLY C 57 -33.58 -8.39 10.50
C GLY C 57 -32.97 -8.62 11.85
N PRO C 58 -32.45 -9.83 12.04
CA PRO C 58 -32.06 -10.29 13.37
C PRO C 58 -30.76 -9.67 13.85
N THR C 59 -30.63 -9.63 15.17
CA THR C 59 -29.41 -9.23 15.83
C THR C 59 -28.61 -10.48 16.21
N GLY C 60 -27.50 -10.26 16.93
CA GLY C 60 -26.72 -11.39 17.41
C GLY C 60 -27.46 -12.18 18.47
N LYS C 61 -28.19 -11.50 19.35
CA LYS C 61 -28.98 -12.18 20.38
C LYS C 61 -30.12 -12.99 19.77
N ASP C 62 -30.64 -12.55 18.63
CA ASP C 62 -31.70 -13.27 17.94
C ASP C 62 -31.24 -14.55 17.25
N ILE C 63 -29.93 -14.75 17.11
CA ILE C 63 -29.38 -15.76 16.21
C ILE C 63 -28.56 -16.81 16.97
N PHE C 64 -27.68 -16.36 17.85
CA PHE C 64 -26.59 -17.21 18.34
C PHE C 64 -27.11 -18.18 19.39
N GLU C 65 -27.01 -19.47 19.09
CA GLU C 65 -27.28 -20.51 20.08
C GLU C 65 -25.98 -20.79 20.81
N LEU C 66 -25.87 -20.27 22.02
CA LEU C 66 -24.67 -20.45 22.84
C LEU C 66 -24.26 -21.90 23.16
N PRO C 67 -25.17 -22.86 23.44
CA PRO C 67 -24.70 -24.26 23.60
C PRO C 67 -24.02 -24.83 22.37
N PHE C 68 -24.51 -24.48 21.18
CA PHE C 68 -23.94 -25.03 19.96
C PHE C 68 -22.55 -24.46 19.72
N VAL C 69 -22.37 -23.17 20.03
CA VAL C 69 -21.07 -22.52 19.99
C VAL C 69 -20.13 -23.13 21.02
N LEU C 70 -20.67 -23.53 22.17
CA LEU C 70 -19.85 -24.20 23.18
C LEU C 70 -19.34 -25.55 22.70
N VAL C 71 -20.19 -26.31 22.01
CA VAL C 71 -19.73 -27.59 21.44
C VAL C 71 -18.69 -27.36 20.35
N GLU C 72 -18.88 -26.32 19.53
CA GLU C 72 -17.88 -25.93 18.52
C GLU C 72 -16.53 -25.62 19.17
N THR C 73 -16.55 -24.83 20.23
CA THR C 73 -15.33 -24.42 20.91
C THR C 73 -14.64 -25.59 21.56
N PHE C 74 -15.41 -26.50 22.17
CA PHE C 74 -14.82 -27.72 22.74
C PHE C 74 -14.20 -28.59 21.68
N LEU C 75 -14.86 -28.72 20.52
CA LEU C 75 -14.31 -29.53 19.43
C LEU C 75 -12.97 -28.99 18.94
N LEU C 76 -12.89 -27.68 18.75
CA LEU C 76 -11.65 -27.13 18.21
C LEU C 76 -10.55 -27.10 19.27
N LEU C 77 -10.93 -26.92 20.54
CA LEU C 77 -9.95 -27.02 21.62
C LEU C 77 -9.42 -28.44 21.79
N PHE C 78 -10.28 -29.44 21.62
CA PHE C 78 -9.83 -30.82 21.63
C PHE C 78 -8.90 -31.09 20.47
N SER C 79 -9.17 -30.50 19.30
CA SER C 79 -8.27 -30.64 18.16
C SER C 79 -6.90 -30.04 18.46
N SER C 80 -6.88 -28.90 19.15
CA SER C 80 -5.61 -28.27 19.52
C SER C 80 -4.82 -29.14 20.49
N ILE C 81 -5.49 -29.71 21.49
CA ILE C 81 -4.75 -30.51 22.46
C ILE C 81 -4.32 -31.85 21.86
N THR C 82 -5.08 -32.39 20.89
CA THR C 82 -4.66 -33.64 20.29
C THR C 82 -3.52 -33.42 19.30
N TYR C 83 -3.47 -32.26 18.65
CA TYR C 83 -2.30 -31.98 17.82
C TYR C 83 -1.10 -31.74 18.73
N GLY C 84 -1.32 -31.14 19.90
CA GLY C 84 -0.26 -31.03 20.88
C GLY C 84 0.26 -32.39 21.35
N MET C 85 -0.63 -33.37 21.45
CA MET C 85 -0.18 -34.72 21.72
C MET C 85 0.52 -35.34 20.53
N ALA C 86 0.21 -34.89 19.30
CA ALA C 86 0.94 -35.39 18.14
C ALA C 86 2.38 -34.90 18.13
N ALA C 87 2.61 -33.69 18.64
CA ALA C 87 3.97 -33.16 18.69
C ALA C 87 4.75 -33.75 19.86
N ILE C 88 4.08 -34.47 20.76
CA ILE C 88 4.76 -35.16 21.84
C ILE C 88 5.27 -36.51 21.34
N ALA C 89 4.60 -37.08 20.33
CA ALA C 89 5.07 -38.31 19.71
C ALA C 89 6.40 -38.06 18.99
N MET C 90 6.31 -37.22 17.96
CA MET C 90 7.53 -36.76 17.27
C MET C 90 8.27 -36.05 18.38
N TYR C 91 9.59 -36.15 18.46
CA TYR C 91 10.39 -35.63 19.60
C TYR C 91 10.59 -36.83 20.50
N LYS C 92 9.73 -37.84 20.35
CA LYS C 92 9.94 -39.12 21.06
C LYS C 92 10.00 -40.10 19.91
N ASN C 93 10.12 -39.58 18.69
CA ASN C 93 10.13 -40.40 17.47
C ASN C 93 8.83 -41.22 17.44
N ASN C 94 8.92 -42.51 17.21
CA ASN C 94 7.69 -43.33 17.32
C ASN C 94 6.55 -42.86 16.42
N LYS C 95 6.70 -43.02 15.11
CA LYS C 95 5.52 -42.78 14.31
C LYS C 95 4.47 -43.85 14.60
N SER C 96 3.27 -43.62 14.03
CA SER C 96 1.97 -44.28 14.21
C SER C 96 1.30 -43.88 15.52
N GLN C 97 2.00 -43.13 16.37
CA GLN C 97 1.33 -42.27 17.33
C GLN C 97 1.12 -40.88 16.75
N VAL C 98 2.03 -40.42 15.89
CA VAL C 98 1.81 -39.20 15.13
C VAL C 98 0.57 -39.33 14.27
N ILE C 99 0.46 -40.44 13.53
CA ILE C 99 -0.67 -40.65 12.63
C ILE C 99 -1.97 -40.78 13.41
N SER C 100 -1.95 -41.48 14.54
CA SER C 100 -3.16 -41.65 15.35
C SER C 100 -3.62 -40.34 15.97
N TRP C 101 -2.68 -39.55 16.49
CA TRP C 101 -3.05 -38.28 17.09
C TRP C 101 -3.50 -37.26 16.05
N LEU C 102 -2.84 -37.22 14.88
CA LEU C 102 -3.32 -36.35 13.81
C LEU C 102 -4.64 -36.82 13.24
N ALA C 103 -4.93 -38.12 13.28
CA ALA C 103 -6.23 -38.59 12.83
C ALA C 103 -7.32 -38.14 13.77
N LEU C 104 -7.08 -38.24 15.08
CA LEU C 104 -8.06 -37.75 16.05
C LEU C 104 -8.21 -36.23 15.96
N THR C 105 -7.11 -35.54 15.69
CA THR C 105 -7.14 -34.10 15.44
C THR C 105 -7.96 -33.76 14.21
N TRP C 106 -7.82 -34.57 13.15
CA TRP C 106 -8.56 -34.33 11.92
C TRP C 106 -10.06 -34.55 12.11
N LEU C 107 -10.43 -35.59 12.86
CA LEU C 107 -11.85 -35.79 13.15
C LEU C 107 -12.43 -34.68 14.01
N PHE C 108 -11.66 -34.18 14.98
CA PHE C 108 -12.13 -33.04 15.77
C PHE C 108 -12.27 -31.78 14.92
N GLY C 109 -11.30 -31.54 14.04
CA GLY C 109 -11.38 -30.37 13.16
C GLY C 109 -12.50 -30.47 12.15
N ALA C 110 -12.75 -31.68 11.62
CA ALA C 110 -13.86 -31.87 10.71
C ALA C 110 -15.19 -31.80 11.42
N GLY C 111 -15.21 -32.12 12.72
CA GLY C 111 -16.37 -31.80 13.53
C GLY C 111 -16.58 -30.30 13.62
N PHE C 112 -15.53 -29.54 13.87
CA PHE C 112 -15.75 -28.09 14.07
C PHE C 112 -16.29 -27.49 12.78
N ILE C 113 -15.67 -27.86 11.68
CA ILE C 113 -16.06 -27.33 10.35
C ILE C 113 -17.49 -27.75 10.01
N GLY C 114 -17.88 -28.97 10.33
CA GLY C 114 -19.21 -29.47 9.96
C GLY C 114 -20.33 -28.81 10.72
N MET C 115 -20.07 -28.37 11.94
CA MET C 115 -21.12 -27.66 12.64
C MET C 115 -21.19 -26.20 12.20
N GLU C 116 -20.05 -25.64 11.81
CA GLU C 116 -20.03 -24.33 11.17
C GLU C 116 -20.78 -24.34 9.84
N ILE C 117 -20.60 -25.42 9.06
CA ILE C 117 -21.35 -25.58 7.81
C ILE C 117 -22.83 -25.73 8.10
N TYR C 118 -23.18 -26.42 9.19
CA TYR C 118 -24.57 -26.57 9.59
C TYR C 118 -25.20 -25.22 9.91
N GLU C 119 -24.51 -24.37 10.68
CA GLU C 119 -25.03 -23.05 10.97
C GLU C 119 -25.11 -22.16 9.73
N PHE C 120 -24.12 -22.23 8.85
CA PHE C 120 -24.16 -21.42 7.64
C PHE C 120 -25.32 -21.82 6.74
N HIS C 121 -25.54 -23.13 6.59
CA HIS C 121 -26.65 -23.61 5.78
C HIS C 121 -28.00 -23.26 6.41
N HIS C 122 -28.08 -23.36 7.74
CA HIS C 122 -29.31 -23.03 8.44
C HIS C 122 -29.63 -21.54 8.33
N LEU C 123 -28.60 -20.69 8.30
CA LEU C 123 -28.85 -19.27 8.12
C LEU C 123 -29.22 -18.92 6.69
N ILE C 124 -28.53 -19.49 5.71
CA ILE C 124 -28.80 -19.15 4.30
C ILE C 124 -30.19 -19.66 3.87
N VAL C 125 -30.59 -20.82 4.37
CA VAL C 125 -31.89 -21.39 3.99
C VAL C 125 -33.03 -20.54 4.55
N ASN C 126 -32.88 -20.01 5.75
CA ASN C 126 -33.92 -19.21 6.39
C ASN C 126 -33.88 -17.75 6.00
N GLY C 127 -33.29 -17.41 4.85
CA GLY C 127 -33.31 -16.04 4.36
C GLY C 127 -32.43 -15.10 5.14
N MET C 128 -31.42 -15.62 5.81
CA MET C 128 -30.60 -14.88 6.74
C MET C 128 -29.13 -14.97 6.34
N GLY C 129 -28.88 -14.93 5.03
CA GLY C 129 -27.53 -15.06 4.53
C GLY C 129 -26.76 -13.78 4.65
N PRO C 130 -25.57 -13.76 4.05
CA PRO C 130 -24.75 -12.54 4.09
C PRO C 130 -25.34 -11.40 3.28
N ASP C 131 -26.23 -11.68 2.35
CA ASP C 131 -26.88 -10.67 1.53
C ASP C 131 -28.10 -10.05 2.22
N ARG C 132 -28.38 -10.43 3.46
CA ARG C 132 -29.53 -9.87 4.15
C ARG C 132 -29.20 -8.54 4.81
N SER C 133 -28.10 -8.47 5.55
CA SER C 133 -27.77 -7.26 6.28
C SER C 133 -26.26 -7.11 6.34
N GLY C 134 -25.83 -5.92 6.76
CA GLY C 134 -24.41 -5.68 6.97
C GLY C 134 -23.84 -6.46 8.14
N PHE C 135 -24.62 -6.60 9.21
CA PHE C 135 -24.19 -7.41 10.35
C PHE C 135 -24.02 -8.87 9.93
N LEU C 136 -24.95 -9.38 9.14
CA LEU C 136 -24.85 -10.75 8.67
C LEU C 136 -23.69 -10.92 7.71
N SER C 137 -23.40 -9.88 6.92
CA SER C 137 -22.26 -9.91 6.04
C SER C 137 -20.94 -9.96 6.81
N ALA C 138 -20.82 -9.15 7.85
CA ALA C 138 -19.61 -9.15 8.66
C ALA C 138 -19.46 -10.44 9.45
N PHE C 139 -20.58 -10.98 9.95
CA PHE C 139 -20.57 -12.24 10.66
C PHE C 139 -20.10 -13.37 9.75
N PHE C 140 -20.66 -13.43 8.54
CA PHE C 140 -20.27 -14.47 7.59
C PHE C 140 -18.83 -14.30 7.16
N ALA C 141 -18.35 -13.06 7.00
CA ALA C 141 -16.97 -12.84 6.59
C ALA C 141 -15.98 -13.30 7.66
N LEU C 142 -16.19 -12.87 8.90
CA LEU C 142 -15.28 -13.23 9.98
C LEU C 142 -15.30 -14.72 10.26
N VAL C 143 -16.49 -15.28 10.45
CA VAL C 143 -16.61 -16.69 10.81
C VAL C 143 -16.21 -17.58 9.66
N GLY C 144 -16.61 -17.23 8.42
CA GLY C 144 -16.25 -18.04 7.28
C GLY C 144 -14.80 -17.93 6.88
N THR C 145 -14.14 -16.81 7.20
CA THR C 145 -12.71 -16.74 6.97
C THR C 145 -11.96 -17.62 7.96
N HIS C 146 -12.41 -17.65 9.21
CA HIS C 146 -11.87 -18.61 10.16
C HIS C 146 -12.14 -20.05 9.72
N GLY C 147 -13.33 -20.29 9.15
CA GLY C 147 -13.66 -21.61 8.67
C GLY C 147 -12.85 -22.04 7.46
N LEU C 148 -12.57 -21.10 6.56
CA LEU C 148 -11.71 -21.39 5.42
C LEU C 148 -10.28 -21.67 5.86
N HIS C 149 -9.81 -20.95 6.88
CA HIS C 149 -8.48 -21.25 7.43
C HIS C 149 -8.42 -22.63 8.07
N VAL C 150 -9.47 -22.99 8.82
CA VAL C 150 -9.53 -24.32 9.43
C VAL C 150 -9.63 -25.40 8.38
N THR C 151 -10.38 -25.14 7.32
CA THR C 151 -10.50 -26.07 6.21
C THR C 151 -9.17 -26.29 5.51
N SER C 152 -8.45 -25.20 5.22
CA SER C 152 -7.14 -25.31 4.58
C SER C 152 -6.15 -26.04 5.47
N GLY C 153 -6.27 -25.83 6.79
CA GLY C 153 -5.52 -26.65 7.72
C GLY C 153 -5.89 -28.12 7.66
N LEU C 154 -7.14 -28.43 7.36
CA LEU C 154 -7.56 -29.83 7.27
C LEU C 154 -7.00 -30.52 6.03
N ILE C 155 -7.04 -29.84 4.87
CA ILE C 155 -6.34 -30.36 3.68
C ILE C 155 -4.84 -30.52 3.94
N TRP C 156 -4.22 -29.53 4.58
CA TRP C 156 -2.79 -29.63 4.88
C TRP C 156 -2.50 -30.78 5.84
N MET C 157 -3.39 -31.01 6.81
CA MET C 157 -3.21 -32.11 7.74
C MET C 157 -3.34 -33.47 7.06
N ALA C 158 -4.32 -33.61 6.15
CA ALA C 158 -4.50 -34.88 5.47
C ALA C 158 -3.33 -35.19 4.53
N VAL C 159 -2.86 -34.17 3.81
CA VAL C 159 -1.70 -34.32 2.92
C VAL C 159 -0.47 -34.68 3.73
N LEU C 160 -0.29 -34.04 4.87
CA LEU C 160 0.85 -34.32 5.73
C LEU C 160 0.78 -35.72 6.33
N MET C 161 -0.42 -36.18 6.70
CA MET C 161 -0.60 -37.55 7.18
C MET C 161 -0.22 -38.57 6.13
N VAL C 162 -0.61 -38.31 4.88
CA VAL C 162 -0.23 -39.19 3.77
C VAL C 162 1.29 -39.21 3.61
N GLN C 163 1.93 -38.05 3.71
CA GLN C 163 3.38 -37.96 3.55
C GLN C 163 4.12 -38.64 4.69
N ILE C 164 3.58 -38.57 5.91
CA ILE C 164 4.20 -39.25 7.04
C ILE C 164 4.02 -40.76 6.91
N ALA C 165 2.85 -41.20 6.43
CA ALA C 165 2.61 -42.63 6.24
C ALA C 165 3.52 -43.20 5.16
N ARG C 166 3.82 -42.41 4.13
CA ARG C 166 4.70 -42.90 3.08
C ARG C 166 6.17 -42.81 3.48
N ARG C 167 6.67 -41.60 3.73
CA ARG C 167 8.11 -41.42 3.90
C ARG C 167 8.58 -41.50 5.35
N GLY C 168 7.70 -41.64 6.31
CA GLY C 168 8.14 -41.68 7.68
C GLY C 168 8.44 -40.31 8.23
N LEU C 169 8.96 -40.30 9.46
CA LEU C 169 9.20 -39.05 10.18
C LEU C 169 10.57 -38.49 9.78
N THR C 170 10.63 -37.94 8.58
CA THR C 170 11.86 -37.38 8.06
C THR C 170 12.11 -35.98 8.64
N SER C 171 13.25 -35.39 8.27
CA SER C 171 13.56 -34.04 8.71
C SER C 171 12.66 -33.01 8.04
N THR C 172 12.19 -33.32 6.83
CA THR C 172 11.19 -32.49 6.18
C THR C 172 9.87 -32.54 6.95
N ASN C 173 9.51 -33.71 7.43
CA ASN C 173 8.25 -33.86 8.15
C ASN C 173 8.32 -33.21 9.53
N ARG C 174 9.52 -33.11 10.13
CA ARG C 174 9.75 -32.31 11.33
C ARG C 174 9.25 -30.88 11.18
N THR C 175 9.85 -30.15 10.23
CA THR C 175 9.49 -28.76 10.02
C THR C 175 8.07 -28.61 9.51
N ARG C 176 7.55 -29.63 8.82
CA ARG C 176 6.17 -29.53 8.33
C ARG C 176 5.15 -29.67 9.46
N ILE C 177 5.36 -30.62 10.38
CA ILE C 177 4.49 -30.74 11.53
C ILE C 177 4.61 -29.53 12.45
N MET C 178 5.79 -28.95 12.56
CA MET C 178 5.91 -27.76 13.42
C MET C 178 5.24 -26.53 12.80
N CYS C 179 5.32 -26.38 11.48
CA CYS C 179 4.59 -25.31 10.80
C CYS C 179 3.08 -25.47 10.94
N LEU C 180 2.58 -26.69 10.78
CA LEU C 180 1.15 -26.90 10.94
C LEU C 180 0.73 -26.83 12.40
N SER C 181 1.64 -27.08 13.33
CA SER C 181 1.37 -26.87 14.75
C SER C 181 1.15 -25.40 15.04
N LEU C 182 2.01 -24.55 14.49
CA LEU C 182 1.83 -23.11 14.59
C LEU C 182 0.50 -22.67 14.01
N PHE C 183 0.17 -23.18 12.82
CA PHE C 183 -1.07 -22.79 12.14
C PHE C 183 -2.31 -23.21 12.93
N TRP C 184 -2.32 -24.45 13.43
CA TRP C 184 -3.49 -24.99 14.12
C TRP C 184 -3.70 -24.34 15.48
N HIS C 185 -2.62 -24.17 16.24
CA HIS C 185 -2.73 -23.53 17.56
C HIS C 185 -3.13 -22.07 17.43
N PHE C 186 -2.60 -21.38 16.42
CA PHE C 186 -3.01 -20.03 16.12
C PHE C 186 -4.49 -19.95 15.74
N LEU C 187 -4.98 -20.97 15.03
CA LEU C 187 -6.40 -21.00 14.67
C LEU C 187 -7.29 -21.14 15.88
N ASP C 188 -6.86 -21.92 16.87
CA ASP C 188 -7.63 -22.00 18.11
C ASP C 188 -7.59 -20.67 18.88
N VAL C 189 -6.47 -19.95 18.81
CA VAL C 189 -6.36 -18.62 19.42
C VAL C 189 -7.33 -17.65 18.76
N VAL C 190 -7.38 -17.66 17.43
CA VAL C 190 -8.28 -16.80 16.67
C VAL C 190 -9.73 -17.13 17.00
N TRP C 191 -10.05 -18.41 17.14
CA TRP C 191 -11.42 -18.78 17.54
C TRP C 191 -11.77 -18.33 18.94
N ILE C 192 -10.78 -18.27 19.85
CA ILE C 192 -11.04 -17.74 21.19
C ILE C 192 -11.47 -16.29 21.11
N CYS C 193 -10.73 -15.50 20.32
CA CYS C 193 -11.12 -14.12 20.06
C CYS C 193 -12.48 -14.05 19.35
N VAL C 194 -12.78 -15.03 18.50
CA VAL C 194 -14.03 -15.02 17.74
C VAL C 194 -15.23 -15.23 18.66
N PHE C 195 -15.19 -16.27 19.50
CA PHE C 195 -16.41 -16.50 20.28
C PHE C 195 -16.53 -15.47 21.40
N THR C 196 -15.43 -14.85 21.81
CA THR C 196 -15.58 -13.75 22.76
C THR C 196 -16.22 -12.53 22.10
N VAL C 197 -15.68 -12.09 20.98
CA VAL C 197 -16.15 -10.84 20.38
C VAL C 197 -17.50 -11.01 19.71
N VAL C 198 -17.68 -12.10 18.97
CA VAL C 198 -18.89 -12.27 18.17
C VAL C 198 -20.02 -12.86 18.99
N TYR C 199 -19.78 -14.02 19.59
CA TYR C 199 -20.89 -14.83 20.11
C TYR C 199 -21.28 -14.43 21.53
N LEU C 200 -20.31 -14.29 22.42
CA LEU C 200 -20.62 -14.00 23.82
C LEU C 200 -21.12 -12.57 23.98
N MET C 201 -20.49 -11.63 23.30
CA MET C 201 -20.97 -10.25 23.33
C MET C 201 -22.26 -10.11 22.54
N GLY C 202 -22.43 -10.91 21.50
CA GLY C 202 -23.61 -10.80 20.66
C GLY C 202 -24.87 -11.30 21.34
N ALA C 203 -24.76 -12.40 22.09
CA ALA C 203 -25.88 -12.96 22.80
C ALA C 203 -25.96 -12.46 24.24
N MET C 204 -25.48 -11.25 24.49
CA MET C 204 -25.45 -10.68 25.82
C MET C 204 -26.85 -10.34 26.30
N SER D 11 11.99 -30.85 21.97
CA SER D 11 10.98 -31.18 22.97
C SER D 11 10.81 -30.04 23.96
N HIS D 12 10.33 -28.90 23.47
CA HIS D 12 10.07 -27.78 24.36
C HIS D 12 8.86 -28.04 25.26
N GLY D 13 7.81 -28.65 24.71
CA GLY D 13 6.62 -28.95 25.47
C GLY D 13 6.70 -30.33 26.10
N SER D 14 6.32 -30.41 27.36
CA SER D 14 6.05 -31.68 28.01
C SER D 14 4.57 -31.99 27.88
N VAL D 15 4.21 -33.23 28.22
CA VAL D 15 2.80 -33.58 28.26
C VAL D 15 2.08 -32.83 29.38
N LYS D 16 2.79 -32.58 30.48
CA LYS D 16 2.19 -31.92 31.63
C LYS D 16 1.90 -30.45 31.33
N THR D 17 2.79 -29.79 30.59
CA THR D 17 2.57 -28.41 30.18
C THR D 17 1.33 -28.28 29.30
N TYR D 18 1.17 -29.19 28.35
CA TYR D 18 0.00 -29.15 27.48
C TYR D 18 -1.27 -29.47 28.25
N MET D 19 -1.22 -30.39 29.20
CA MET D 19 -2.43 -30.72 29.94
C MET D 19 -2.84 -29.61 30.90
N THR D 20 -1.88 -28.90 31.50
CA THR D 20 -2.25 -27.76 32.33
C THR D 20 -2.80 -26.62 31.50
N GLY D 21 -2.24 -26.40 30.30
CA GLY D 21 -2.86 -25.45 29.38
C GLY D 21 -4.25 -25.87 28.95
N PHE D 22 -4.46 -27.18 28.80
CA PHE D 22 -5.76 -27.72 28.43
C PHE D 22 -6.80 -27.47 29.52
N ILE D 23 -6.45 -27.77 30.77
CA ILE D 23 -7.38 -27.55 31.89
C ILE D 23 -7.67 -26.08 32.08
N LEU D 24 -6.64 -25.23 31.98
CA LEU D 24 -6.86 -23.79 32.08
C LEU D 24 -7.75 -23.27 30.97
N SER D 25 -7.61 -23.82 29.77
CA SER D 25 -8.45 -23.41 28.66
C SER D 25 -9.90 -23.87 28.85
N ILE D 26 -10.09 -25.06 29.42
CA ILE D 26 -11.44 -25.51 29.74
C ILE D 26 -12.11 -24.58 30.74
N ILE D 27 -11.39 -24.19 31.79
CA ILE D 27 -11.92 -23.26 32.78
C ILE D 27 -12.25 -21.90 32.16
N LEU D 28 -11.29 -21.33 31.41
CA LEU D 28 -11.45 -20.01 30.82
C LEU D 28 -12.43 -20.01 29.65
N THR D 29 -12.88 -21.18 29.21
CA THR D 29 -14.01 -21.27 28.30
C THR D 29 -15.35 -21.50 29.00
N VAL D 30 -15.39 -22.36 30.03
CA VAL D 30 -16.68 -22.74 30.60
C VAL D 30 -17.24 -21.60 31.46
N ILE D 31 -16.37 -20.85 32.15
CA ILE D 31 -16.87 -19.80 33.03
C ILE D 31 -17.46 -18.61 32.29
N PRO D 32 -16.83 -18.03 31.24
CA PRO D 32 -17.52 -16.95 30.50
C PRO D 32 -18.81 -17.39 29.81
N PHE D 33 -18.86 -18.62 29.32
CA PHE D 33 -20.09 -19.16 28.74
C PHE D 33 -21.18 -19.27 29.80
N TRP D 34 -20.81 -19.69 31.02
CA TRP D 34 -21.79 -19.80 32.09
C TRP D 34 -22.27 -18.43 32.53
N MET D 35 -21.37 -17.44 32.56
CA MET D 35 -21.76 -16.09 32.96
C MET D 35 -22.65 -15.43 31.90
N VAL D 36 -22.53 -15.84 30.65
CA VAL D 36 -23.39 -15.24 29.63
C VAL D 36 -24.72 -15.98 29.52
N MET D 37 -24.72 -17.31 29.62
CA MET D 37 -25.97 -18.07 29.44
C MET D 37 -26.92 -17.90 30.61
N THR D 38 -26.42 -17.57 31.80
CA THR D 38 -27.30 -17.37 32.94
C THR D 38 -27.55 -15.90 33.26
N GLY D 39 -26.66 -15.01 32.84
CA GLY D 39 -26.81 -13.59 33.15
C GLY D 39 -26.67 -13.31 34.63
N ALA D 40 -25.74 -14.00 35.29
CA ALA D 40 -25.63 -13.96 36.74
C ALA D 40 -25.21 -12.59 37.23
N ALA D 41 -24.15 -12.04 36.66
CA ALA D 41 -23.76 -10.68 36.97
C ALA D 41 -24.56 -9.71 36.10
N SER D 42 -24.20 -8.44 36.15
CA SER D 42 -24.84 -7.42 35.32
C SER D 42 -23.97 -7.34 34.08
N PRO D 43 -24.42 -6.65 33.03
CA PRO D 43 -23.62 -6.69 31.79
C PRO D 43 -22.17 -6.21 31.91
N ALA D 44 -21.90 -5.15 32.66
CA ALA D 44 -20.54 -4.64 32.77
C ALA D 44 -19.56 -5.67 33.32
N VAL D 45 -19.86 -6.24 34.49
CA VAL D 45 -18.98 -7.21 35.13
C VAL D 45 -19.21 -8.60 34.58
N ILE D 46 -20.06 -8.75 33.57
CA ILE D 46 -19.97 -9.88 32.65
C ILE D 46 -18.98 -9.58 31.54
N LEU D 47 -19.15 -8.42 30.88
CA LEU D 47 -18.39 -8.12 29.67
C LEU D 47 -16.91 -7.95 29.97
N GLY D 48 -16.58 -7.23 31.04
CA GLY D 48 -15.19 -7.10 31.43
C GLY D 48 -14.58 -8.43 31.85
N THR D 49 -15.39 -9.29 32.45
CA THR D 49 -14.92 -10.61 32.85
C THR D 49 -14.62 -11.48 31.64
N ILE D 50 -15.50 -11.46 30.63
CA ILE D 50 -15.28 -12.33 29.47
C ILE D 50 -14.12 -11.82 28.62
N LEU D 51 -13.92 -10.49 28.54
CA LEU D 51 -12.75 -9.99 27.83
C LEU D 51 -11.45 -10.28 28.59
N ALA D 52 -11.47 -10.17 29.92
CA ALA D 52 -10.29 -10.51 30.71
C ALA D 52 -9.94 -11.98 30.58
N MET D 53 -10.95 -12.85 30.63
CA MET D 53 -10.68 -14.28 30.57
C MET D 53 -10.30 -14.71 29.16
N ALA D 54 -10.81 -14.03 28.14
CA ALA D 54 -10.35 -14.26 26.77
C ALA D 54 -8.89 -13.87 26.61
N VAL D 55 -8.49 -12.73 27.16
CA VAL D 55 -7.11 -12.27 27.04
C VAL D 55 -6.16 -13.24 27.74
N VAL D 56 -6.50 -13.66 28.95
CA VAL D 56 -5.59 -14.54 29.67
C VAL D 56 -5.62 -15.95 29.08
N GLN D 57 -6.73 -16.34 28.45
CA GLN D 57 -6.75 -17.63 27.76
C GLN D 57 -5.91 -17.60 26.50
N VAL D 58 -5.88 -16.47 25.80
CA VAL D 58 -5.00 -16.30 24.65
C VAL D 58 -3.54 -16.40 25.07
N LEU D 59 -3.19 -15.75 26.19
CA LEU D 59 -1.82 -15.87 26.70
C LEU D 59 -1.48 -17.28 27.17
N VAL D 60 -2.46 -18.00 27.74
CA VAL D 60 -2.24 -19.39 28.13
C VAL D 60 -2.00 -20.27 26.89
N HIS D 61 -2.75 -20.03 25.83
CA HIS D 61 -2.54 -20.78 24.58
C HIS D 61 -1.19 -20.47 23.96
N LEU D 62 -0.76 -19.20 24.01
CA LEU D 62 0.56 -18.84 23.51
C LEU D 62 1.68 -19.46 24.33
N VAL D 63 1.55 -19.47 25.65
CA VAL D 63 2.64 -19.99 26.48
C VAL D 63 2.68 -21.52 26.41
N CYS D 64 1.53 -22.17 26.53
CA CYS D 64 1.50 -23.61 26.65
C CYS D 64 1.53 -24.34 25.32
N PHE D 65 0.82 -23.85 24.32
CA PHE D 65 0.72 -24.60 23.07
C PHE D 65 1.71 -24.15 22.02
N LEU D 66 2.14 -22.89 22.07
CA LEU D 66 3.09 -22.38 21.08
C LEU D 66 4.52 -22.38 21.57
N HIS D 67 4.75 -22.59 22.87
CA HIS D 67 6.07 -22.57 23.51
C HIS D 67 6.80 -21.27 23.22
N MET D 68 6.18 -20.19 23.66
CA MET D 68 6.57 -18.87 23.21
C MET D 68 7.38 -18.17 24.27
N ASN D 69 8.55 -17.67 23.89
CA ASN D 69 9.55 -17.27 24.87
C ASN D 69 10.48 -16.24 24.27
N THR D 70 11.20 -15.55 25.15
CA THR D 70 11.98 -14.37 24.78
C THR D 70 13.30 -14.70 24.11
N LYS D 71 13.62 -15.98 23.90
CA LYS D 71 14.93 -16.35 23.39
C LYS D 71 14.86 -17.41 22.30
N SER D 72 13.68 -17.62 21.71
CA SER D 72 13.46 -18.78 20.85
C SER D 72 14.22 -18.66 19.53
N ASP D 73 14.18 -17.49 18.91
CA ASP D 73 14.89 -17.22 17.67
C ASP D 73 15.58 -15.87 17.78
N GLU D 74 16.39 -15.71 18.82
CA GLU D 74 17.02 -14.43 19.11
C GLU D 74 15.99 -13.39 19.49
N GLY D 75 14.94 -13.81 20.17
CA GLY D 75 13.90 -12.90 20.58
C GLY D 75 13.06 -12.34 19.46
N TRP D 76 13.22 -12.85 18.23
CA TRP D 76 12.50 -12.26 17.12
C TRP D 76 11.06 -12.76 17.03
N ASN D 77 10.72 -13.88 17.67
CA ASN D 77 9.33 -14.27 17.75
C ASN D 77 8.55 -13.34 18.66
N MET D 78 9.04 -13.13 19.84
CA MET D 78 8.37 -12.27 20.74
C MET D 78 8.25 -10.93 20.12
N THR D 79 9.30 -10.45 19.49
CA THR D 79 9.25 -9.12 18.96
C THR D 79 8.27 -9.02 17.86
N ALA D 80 8.41 -9.87 16.88
CA ALA D 80 7.42 -9.91 15.82
C ALA D 80 6.00 -9.90 16.37
N PHE D 81 5.77 -10.64 17.46
CA PHE D 81 4.44 -10.70 18.02
C PHE D 81 4.05 -9.41 18.72
N VAL D 82 4.97 -8.78 19.44
CA VAL D 82 4.67 -7.55 20.14
C VAL D 82 4.43 -6.42 19.14
N PHE D 83 5.22 -6.38 18.06
CA PHE D 83 4.96 -5.42 17.00
C PHE D 83 3.62 -5.72 16.31
N THR D 84 3.30 -7.00 16.13
CA THR D 84 2.03 -7.35 15.50
C THR D 84 0.84 -6.97 16.37
N VAL D 85 0.94 -7.19 17.68
CA VAL D 85 -0.10 -6.78 18.61
C VAL D 85 -0.24 -5.26 18.65
N LEU D 86 0.87 -4.54 18.51
CA LEU D 86 0.80 -3.08 18.40
C LEU D 86 0.06 -2.66 17.13
N ILE D 87 0.31 -3.34 16.01
CA ILE D 87 -0.40 -3.03 14.77
C ILE D 87 -1.89 -3.38 14.87
N ILE D 88 -2.22 -4.54 15.45
CA ILE D 88 -3.62 -4.91 15.69
C ILE D 88 -4.31 -3.89 16.60
N ALA D 89 -3.62 -3.42 17.64
CA ALA D 89 -4.18 -2.42 18.54
C ALA D 89 -4.47 -1.12 17.81
N ILE D 90 -3.49 -0.63 17.04
CA ILE D 90 -3.67 0.61 16.28
C ILE D 90 -4.77 0.46 15.25
N LEU D 91 -4.75 -0.63 14.48
CA LEU D 91 -5.70 -0.81 13.39
C LEU D 91 -7.13 -0.97 13.89
N VAL D 92 -7.35 -1.88 14.85
CA VAL D 92 -8.70 -2.15 15.32
C VAL D 92 -9.23 -1.00 16.15
N VAL D 93 -8.44 -0.54 17.15
CA VAL D 93 -8.89 0.51 18.05
C VAL D 93 -9.07 1.82 17.30
N GLY D 94 -8.13 2.14 16.41
CA GLY D 94 -8.27 3.32 15.59
C GLY D 94 -9.45 3.24 14.64
N SER D 95 -9.68 2.09 14.02
CA SER D 95 -10.80 1.96 13.10
C SER D 95 -12.14 2.13 13.81
N ILE D 96 -12.26 1.57 15.01
CA ILE D 96 -13.45 1.78 15.83
C ILE D 96 -13.60 3.25 16.20
N TRP D 97 -12.50 3.93 16.53
CA TRP D 97 -12.58 5.32 16.98
C TRP D 97 -12.96 6.26 15.83
N ILE D 98 -12.28 6.12 14.68
CA ILE D 98 -12.64 6.85 13.46
C ILE D 98 -14.08 6.60 13.05
N MET D 99 -14.52 5.34 13.05
CA MET D 99 -15.85 5.05 12.54
C MET D 99 -16.93 5.49 13.52
N TRP D 100 -16.65 5.48 14.82
CA TRP D 100 -17.62 6.00 15.77
C TRP D 100 -17.75 7.51 15.66
N ASN D 101 -16.63 8.22 15.49
CA ASN D 101 -16.70 9.67 15.32
C ASN D 101 -17.42 10.04 14.04
N LEU D 102 -17.16 9.30 12.97
CA LEU D 102 -17.86 9.52 11.71
C LEU D 102 -19.36 9.27 11.85
N ASN D 103 -19.73 8.14 12.45
CA ASN D 103 -21.14 7.79 12.56
C ASN D 103 -21.89 8.75 13.48
N TYR D 104 -21.21 9.29 14.48
CA TYR D 104 -21.81 10.38 15.24
C TYR D 104 -21.99 11.61 14.39
N ASN D 105 -21.03 11.92 13.54
CA ASN D 105 -21.14 13.14 12.75
C ASN D 105 -21.97 12.97 11.49
N MET D 106 -22.61 11.82 11.26
CA MET D 106 -23.47 11.70 10.09
C MET D 106 -24.95 11.62 10.43
N MET D 107 -25.31 11.67 11.71
CA MET D 107 -26.72 11.57 12.05
C MET D 107 -27.41 12.90 11.81
N MET D 108 -28.73 12.83 11.63
CA MET D 108 -29.51 13.99 11.23
C MET D 108 -29.74 14.89 12.45
N HIS D 109 -28.71 15.65 12.79
CA HIS D 109 -28.84 16.68 13.81
C HIS D 109 -29.72 17.80 13.27
#